data_5TIB
#
_entry.id   5TIB
#
_cell.length_a   104.060
_cell.length_b   104.060
_cell.length_c   252.210
_cell.angle_alpha   90.000
_cell.angle_beta   90.000
_cell.angle_gamma   90.000
#
_symmetry.space_group_name_H-M   'P 43 21 2'
#
loop_
_entity.id
_entity.type
_entity.pdbx_description
1 polymer 'Sugar ABC transporter substrate-binding protein,Gasdermin-B'
2 branched alpha-D-glucopyranose-(1-4)-alpha-D-glucopyranose
3 non-polymer 'ACETATE ION'
4 non-polymer 'SODIUM ION'
5 water water
#
_entity_poly.entity_id   1
_entity_poly.type   'polypeptide(L)'
_entity_poly.pdbx_seq_one_letter_code
;KIEEGKLVIWINGDKGYNGLAEVGKKFEKDTGIKVTVEHPDKLEEKFPQVAATGDGPDIIFWAHDRFGGYAQSGLLAEIT
PAAAFQDKLYPFTWDAVRYNGKLIAYPIAVEALSLIYNKDLLPNPPKTWEEIPALDKELKAKGKSALMFNLQEPYFTWPL
IAADGGYAFKYAAGKYDIKDVGVDNAGAKAGLTFLVDLIKNKHMNADTDYSIAEAAFNKGETAMTINGPWAWSNIDTSAV
NYGVTVLPTFKGQPSKPFVGVLSAGINAASPNKELAKEFLENYLLTDEGLEAVNKDKPLGAVALKSYEEELAKDPRIAAT
MENAQKGEIMPNIPQMSAFWYAVRTAVINAASGRQTVDAALAAAQTNAAAMSAGLDIHFRGKTKSFPEGKSLGSEDSRNM
KEKLEDMESVLKDLTEEKRKDVLNSLAKCLGKEDIRQDLEQRVSEVLISRELHMEDSDKPLLSSLFNAAGVLVEARAKAI
LDFLDALLELSEEQQFVAEALEKGTLPLLKDQVKSVMEQNWDELASSPPDMDYDPEARILCALYVVVSILLELAEGP
;
_entity_poly.pdbx_strand_id   A,B
#
loop_
_chem_comp.id
_chem_comp.type
_chem_comp.name
_chem_comp.formula
ACT non-polymer 'ACETATE ION' 'C2 H3 O2 -1'
GLC D-saccharide, alpha linking alpha-D-glucopyranose 'C6 H12 O6'
NA non-polymer 'SODIUM ION' 'Na 1'
#
# COMPACT_ATOMS: atom_id res chain seq x y z
N LYS A 1 29.18 0.74 -12.95
CA LYS A 1 29.38 2.21 -12.92
C LYS A 1 28.97 2.73 -14.26
N ILE A 2 27.97 3.59 -14.27
CA ILE A 2 27.54 4.25 -15.47
C ILE A 2 28.48 5.41 -15.69
N GLU A 3 28.76 5.73 -16.94
CA GLU A 3 29.79 6.69 -17.28
C GLU A 3 29.25 8.14 -17.31
N GLU A 4 29.87 9.01 -16.51
CA GLU A 4 29.54 10.42 -16.46
C GLU A 4 29.85 11.21 -17.73
N GLY A 5 29.05 12.22 -18.02
CA GLY A 5 29.25 13.00 -19.24
C GLY A 5 28.77 12.35 -20.52
N LYS A 6 27.91 11.34 -20.42
CA LYS A 6 27.43 10.60 -21.58
C LYS A 6 26.01 10.17 -21.29
N LEU A 7 25.22 9.88 -22.33
CA LEU A 7 23.90 9.29 -22.11
C LEU A 7 23.79 7.96 -22.84
N VAL A 8 23.33 6.94 -22.11
CA VAL A 8 23.03 5.66 -22.69
C VAL A 8 21.56 5.42 -22.51
N ILE A 9 20.89 5.00 -23.58
CA ILE A 9 19.46 4.83 -23.62
C ILE A 9 19.05 3.50 -24.14
N TRP A 10 18.19 2.79 -23.39
CA TRP A 10 17.63 1.52 -23.83
C TRP A 10 16.17 1.68 -24.29
N ILE A 11 15.83 1.12 -25.43
CA ILE A 11 14.48 1.08 -25.87
C ILE A 11 14.24 -0.24 -26.61
N ASN A 12 13.01 -0.67 -26.67
CA ASN A 12 12.66 -1.90 -27.33
C ASN A 12 12.97 -1.90 -28.85
N GLY A 13 13.38 -3.06 -29.34
CA GLY A 13 13.75 -3.22 -30.71
C GLY A 13 12.63 -3.10 -31.73
N ASP A 14 11.39 -3.13 -31.31
CA ASP A 14 10.33 -2.90 -32.26
C ASP A 14 9.99 -1.40 -32.36
N LYS A 15 10.58 -0.56 -31.49
CA LYS A 15 10.32 0.90 -31.50
C LYS A 15 11.30 1.61 -32.42
N GLY A 16 11.06 2.91 -32.66
CA GLY A 16 11.88 3.71 -33.58
C GLY A 16 13.23 4.18 -33.03
N TYR A 17 14.11 3.22 -32.74
CA TYR A 17 15.41 3.49 -32.20
C TYR A 17 16.38 4.29 -33.11
N ASN A 18 16.27 4.15 -34.42
CA ASN A 18 17.09 4.96 -35.32
C ASN A 18 16.64 6.42 -35.29
N GLY A 19 15.31 6.62 -35.27
CA GLY A 19 14.70 7.94 -35.03
C GLY A 19 15.20 8.52 -33.72
N LEU A 20 15.19 7.73 -32.68
CA LEU A 20 15.66 8.19 -31.41
C LEU A 20 17.11 8.57 -31.42
N ALA A 21 17.90 7.86 -32.16
CA ALA A 21 19.35 8.14 -32.28
C ALA A 21 19.60 9.43 -33.05
N GLU A 22 18.69 9.79 -33.95
CA GLU A 22 18.66 11.10 -34.59
C GLU A 22 18.48 12.23 -33.58
N VAL A 23 17.62 12.05 -32.59
CA VAL A 23 17.49 13.04 -31.55
C VAL A 23 18.78 13.08 -30.72
N GLY A 24 19.38 11.92 -30.51
CA GLY A 24 20.64 11.78 -29.78
C GLY A 24 21.76 12.58 -30.43
N LYS A 25 21.78 12.54 -31.77
CA LYS A 25 22.67 13.32 -32.59
C LYS A 25 22.47 14.83 -32.42
N LYS A 26 21.21 15.26 -32.50
CA LYS A 26 20.94 16.67 -32.36
C LYS A 26 21.41 17.15 -30.99
N PHE A 27 21.23 16.32 -29.98
CA PHE A 27 21.63 16.66 -28.62
C PHE A 27 23.12 16.86 -28.51
N GLU A 28 23.89 15.94 -29.09
CA GLU A 28 25.35 16.03 -29.06
C GLU A 28 25.84 17.28 -29.79
N LYS A 29 25.24 17.57 -30.92
CA LYS A 29 25.58 18.72 -31.70
C LYS A 29 25.37 20.00 -30.89
N ASP A 30 24.23 20.11 -30.21
CA ASP A 30 23.95 21.28 -29.41
C ASP A 30 24.78 21.36 -28.14
N THR A 31 25.15 20.24 -27.54
CA THR A 31 25.76 20.26 -26.20
C THR A 31 27.10 19.57 -26.09
N GLY A 32 27.57 18.91 -27.15
CA GLY A 32 28.73 18.04 -27.05
C GLY A 32 28.65 16.77 -26.18
N ILE A 33 27.43 16.35 -25.82
CA ILE A 33 27.21 15.16 -24.95
C ILE A 33 26.85 13.98 -25.83
N LYS A 34 27.65 12.93 -25.82
CA LYS A 34 27.40 11.76 -26.67
C LYS A 34 26.14 10.98 -26.15
N VAL A 35 25.30 10.55 -27.09
CA VAL A 35 24.14 9.78 -26.78
C VAL A 35 24.26 8.50 -27.54
N THR A 36 24.12 7.38 -26.83
CA THR A 36 24.13 6.03 -27.44
C THR A 36 22.82 5.33 -27.21
N VAL A 37 22.20 4.87 -28.26
CA VAL A 37 20.93 4.22 -28.13
C VAL A 37 21.05 2.76 -28.47
N GLU A 38 20.54 1.94 -27.57
CA GLU A 38 20.67 0.50 -27.66
C GLU A 38 19.29 -0.16 -27.55
N HIS A 39 19.18 -1.31 -28.16
CA HIS A 39 17.96 -2.11 -28.07
C HIS A 39 18.16 -3.59 -27.65
N PRO A 40 18.55 -3.81 -26.41
CA PRO A 40 18.78 -5.14 -25.95
C PRO A 40 17.54 -5.99 -25.96
N ASP A 41 17.70 -7.31 -26.01
CA ASP A 41 16.59 -8.22 -25.92
C ASP A 41 16.19 -8.31 -24.48
N LYS A 42 14.91 -8.62 -24.24
CA LYS A 42 14.40 -8.83 -22.87
C LYS A 42 14.65 -7.61 -21.99
N LEU A 43 14.55 -6.45 -22.59
CA LEU A 43 14.97 -5.23 -21.97
C LEU A 43 14.27 -4.98 -20.61
N GLU A 44 12.99 -5.29 -20.56
CA GLU A 44 12.18 -5.10 -19.38
C GLU A 44 12.62 -5.98 -18.22
N GLU A 45 13.25 -7.11 -18.52
CA GLU A 45 13.87 -7.91 -17.47
C GLU A 45 15.33 -7.55 -17.23
N LYS A 46 16.04 -7.29 -18.29
CA LYS A 46 17.42 -6.95 -18.17
C LYS A 46 17.65 -5.65 -17.39
N PHE A 47 16.84 -4.61 -17.59
CA PHE A 47 17.01 -3.35 -16.89
C PHE A 47 17.05 -3.44 -15.35
N PRO A 48 16.02 -4.00 -14.71
CA PRO A 48 16.03 -4.17 -13.28
C PRO A 48 17.17 -5.07 -12.78
N GLN A 49 17.59 -6.05 -13.61
CA GLN A 49 18.80 -6.85 -13.27
C GLN A 49 20.11 -6.06 -13.21
N VAL A 50 20.38 -5.25 -14.22
CA VAL A 50 21.61 -4.44 -14.17
C VAL A 50 21.47 -3.21 -13.23
N ALA A 51 20.30 -2.59 -13.17
CA ALA A 51 20.05 -1.40 -12.33
C ALA A 51 20.04 -1.72 -10.83
N ALA A 52 19.69 -2.95 -10.48
CA ALA A 52 19.74 -3.38 -9.08
C ALA A 52 21.16 -3.31 -8.55
N THR A 53 22.16 -3.45 -9.42
CA THR A 53 23.56 -3.36 -9.00
C THR A 53 24.14 -1.96 -9.23
N GLY A 54 23.31 -0.97 -9.56
CA GLY A 54 23.81 0.35 -9.89
C GLY A 54 24.50 0.48 -11.24
N ASP A 55 24.17 -0.39 -12.19
CA ASP A 55 24.65 -0.30 -13.55
C ASP A 55 23.42 -0.07 -14.46
N GLY A 56 23.63 -0.08 -15.78
CA GLY A 56 22.58 0.01 -16.74
C GLY A 56 22.60 1.29 -17.54
N PRO A 57 21.48 1.57 -18.24
CA PRO A 57 21.33 2.81 -18.99
C PRO A 57 20.97 3.98 -18.09
N ASP A 58 21.30 5.19 -18.51
CA ASP A 58 20.79 6.40 -17.86
C ASP A 58 19.29 6.51 -18.06
N ILE A 59 18.81 6.20 -19.28
CA ILE A 59 17.40 6.26 -19.61
C ILE A 59 16.83 4.93 -20.11
N ILE A 60 15.62 4.60 -19.60
CA ILE A 60 14.91 3.35 -19.97
C ILE A 60 13.52 3.62 -20.49
N PHE A 61 13.25 3.12 -21.69
CA PHE A 61 11.94 3.23 -22.32
C PHE A 61 11.18 1.89 -22.26
N TRP A 62 9.98 1.91 -21.73
CA TRP A 62 9.09 0.77 -21.79
C TRP A 62 7.68 1.32 -21.55
N ALA A 63 6.68 0.50 -21.76
CA ALA A 63 5.35 0.87 -21.36
C ALA A 63 5.27 1.06 -19.84
N HIS A 64 4.34 1.89 -19.43
CA HIS A 64 4.28 2.38 -18.09
C HIS A 64 4.06 1.32 -17.09
N ASP A 65 3.49 0.19 -17.53
CA ASP A 65 3.10 -0.90 -16.62
C ASP A 65 4.24 -1.53 -15.80
N ARG A 66 5.46 -1.47 -16.31
CA ARG A 66 6.59 -1.94 -15.58
C ARG A 66 7.14 -1.01 -14.54
N PHE A 67 6.81 0.28 -14.59
CA PHE A 67 7.59 1.30 -13.89
C PHE A 67 7.36 1.28 -12.37
N GLY A 68 6.19 0.91 -11.93
CA GLY A 68 5.89 0.87 -10.51
C GLY A 68 6.75 -0.14 -9.77
N GLY A 69 6.88 -1.34 -10.34
CA GLY A 69 7.81 -2.31 -9.87
C GLY A 69 9.25 -1.82 -9.84
N TYR A 70 9.70 -1.18 -10.89
CA TYR A 70 11.05 -0.54 -10.85
C TYR A 70 11.12 0.48 -9.74
N ALA A 71 10.07 1.31 -9.58
CA ALA A 71 10.07 2.32 -8.53
C ALA A 71 10.09 1.71 -7.16
N GLN A 72 9.25 0.69 -6.91
CA GLN A 72 9.27 -0.01 -5.62
C GLN A 72 10.65 -0.61 -5.29
N SER A 73 11.38 -1.08 -6.27
CA SER A 73 12.72 -1.56 -6.08
C SER A 73 13.78 -0.45 -6.01
N GLY A 74 13.41 0.83 -5.98
CA GLY A 74 14.38 1.90 -5.87
C GLY A 74 15.25 2.10 -7.11
N LEU A 75 14.83 1.65 -8.27
CA LEU A 75 15.63 1.74 -9.46
C LEU A 75 15.44 3.01 -10.25
N LEU A 76 14.47 3.86 -9.90
CA LEU A 76 14.18 5.04 -10.73
C LEU A 76 14.31 6.35 -9.99
N ALA A 77 14.88 7.36 -10.67
CA ALA A 77 14.89 8.73 -10.12
C ALA A 77 13.49 9.33 -10.15
N GLU A 78 13.15 10.11 -9.15
CA GLU A 78 11.93 10.87 -9.18
C GLU A 78 11.99 11.92 -10.30
N ILE A 79 10.90 12.05 -11.03
CA ILE A 79 10.78 12.98 -12.14
C ILE A 79 10.01 14.21 -11.59
N THR A 80 10.59 15.38 -11.83
CA THR A 80 10.01 16.65 -11.35
C THR A 80 10.07 17.68 -12.47
N PRO A 81 9.16 17.60 -13.43
CA PRO A 81 9.09 18.62 -14.48
C PRO A 81 8.36 19.82 -13.97
N ALA A 82 8.80 20.95 -14.45
CA ALA A 82 8.11 22.20 -14.12
C ALA A 82 6.67 22.11 -14.62
N ALA A 83 5.81 22.87 -14.00
CA ALA A 83 4.41 22.95 -14.42
C ALA A 83 4.26 23.43 -15.88
N ALA A 84 5.11 24.35 -16.28
CA ALA A 84 5.11 24.79 -17.65
C ALA A 84 5.34 23.60 -18.62
N PHE A 85 6.27 22.70 -18.30
CA PHE A 85 6.43 21.48 -19.11
C PHE A 85 5.26 20.48 -19.00
N GLN A 86 4.74 20.25 -17.81
CA GLN A 86 3.65 19.31 -17.65
C GLN A 86 2.42 19.62 -18.44
N ASP A 87 2.05 20.89 -18.52
CA ASP A 87 0.81 21.32 -19.19
C ASP A 87 0.83 21.13 -20.65
N LYS A 88 1.98 20.91 -21.24
CA LYS A 88 2.12 20.49 -22.62
C LYS A 88 1.74 19.05 -22.97
N LEU A 89 1.54 18.20 -21.98
CA LEU A 89 1.24 16.80 -22.22
C LEU A 89 -0.15 16.56 -21.74
N TYR A 90 -0.83 15.58 -22.31
CA TYR A 90 -2.15 15.20 -21.84
C TYR A 90 -2.13 14.73 -20.37
N PRO A 91 -3.02 15.21 -19.54
CA PRO A 91 -3.01 14.83 -18.14
C PRO A 91 -3.20 13.31 -17.89
N PHE A 92 -3.96 12.60 -18.72
CA PHE A 92 -4.11 11.20 -18.52
C PHE A 92 -2.78 10.46 -18.73
N THR A 93 -1.81 11.03 -19.45
CA THR A 93 -0.50 10.42 -19.64
C THR A 93 0.32 10.52 -18.38
N TRP A 94 0.26 11.69 -17.72
CA TRP A 94 0.91 11.87 -16.41
C TRP A 94 0.36 10.90 -15.40
N ASP A 95 -0.94 10.60 -15.43
CA ASP A 95 -1.54 9.60 -14.56
C ASP A 95 -0.90 8.23 -14.73
N ALA A 96 -0.60 7.84 -15.96
CA ALA A 96 -0.08 6.56 -16.21
C ALA A 96 1.28 6.39 -15.56
N VAL A 97 2.03 7.48 -15.44
CA VAL A 97 3.31 7.44 -14.83
C VAL A 97 3.35 7.98 -13.39
N ARG A 98 2.21 8.11 -12.75
CA ARG A 98 2.19 8.54 -11.38
C ARG A 98 1.95 7.36 -10.45
N TYR A 99 2.87 7.18 -9.49
CA TYR A 99 2.92 6.01 -8.62
C TYR A 99 3.13 6.44 -7.20
N ASN A 100 2.21 5.99 -6.33
CA ASN A 100 2.10 6.50 -4.94
C ASN A 100 2.24 8.05 -4.84
N GLY A 101 1.54 8.79 -5.73
CA GLY A 101 1.66 10.23 -5.75
C GLY A 101 2.91 10.88 -6.37
N LYS A 102 3.91 10.12 -6.74
CA LYS A 102 5.08 10.68 -7.42
C LYS A 102 5.16 10.27 -8.89
N LEU A 103 5.78 11.12 -9.68
CA LEU A 103 6.00 10.87 -11.06
C LEU A 103 7.32 10.13 -11.22
N ILE A 104 7.26 8.97 -11.86
CA ILE A 104 8.40 8.07 -11.99
C ILE A 104 8.91 7.90 -13.39
N ALA A 105 8.33 8.62 -14.38
CA ALA A 105 8.80 8.60 -15.78
C ALA A 105 8.17 9.75 -16.58
N TYR A 106 8.72 10.00 -17.78
CA TYR A 106 8.08 10.87 -18.70
C TYR A 106 7.19 10.06 -19.67
N PRO A 107 5.93 10.43 -19.85
CA PRO A 107 5.07 9.80 -20.85
C PRO A 107 5.44 10.20 -22.25
N ILE A 108 5.34 9.28 -23.22
CA ILE A 108 5.74 9.56 -24.55
C ILE A 108 4.59 9.36 -25.53
N ALA A 109 3.97 8.18 -25.51
CA ALA A 109 2.92 7.89 -26.42
C ALA A 109 1.98 6.80 -25.98
N VAL A 110 0.75 6.85 -26.43
CA VAL A 110 -0.20 5.88 -26.14
C VAL A 110 -0.27 4.84 -27.21
N GLU A 111 -0.19 3.57 -26.82
CA GLU A 111 -0.22 2.42 -27.77
C GLU A 111 -1.39 1.50 -27.46
N ALA A 112 -2.15 1.17 -28.44
CA ALA A 112 -3.15 0.15 -28.28
C ALA A 112 -3.10 -0.74 -29.51
N LEU A 113 -3.46 -1.99 -29.34
CA LEU A 113 -3.56 -2.93 -30.40
C LEU A 113 -4.80 -2.68 -31.24
N SER A 114 -4.63 -2.83 -32.55
CA SER A 114 -5.77 -2.73 -33.45
C SER A 114 -5.82 -3.95 -34.36
N LEU A 115 -6.94 -4.15 -35.03
CA LEU A 115 -7.07 -5.11 -36.06
C LEU A 115 -6.58 -4.51 -37.35
N ILE A 116 -5.54 -5.13 -37.93
CA ILE A 116 -4.91 -4.67 -39.18
C ILE A 116 -5.30 -5.63 -40.26
N TYR A 117 -5.90 -5.14 -41.34
CA TYR A 117 -6.42 -6.04 -42.38
C TYR A 117 -5.97 -5.73 -43.79
N ASN A 118 -5.80 -6.75 -44.61
CA ASN A 118 -5.36 -6.59 -46.02
C ASN A 118 -6.55 -6.29 -46.87
N LYS A 119 -6.58 -5.10 -47.45
CA LYS A 119 -7.81 -4.61 -48.17
C LYS A 119 -8.18 -5.41 -49.42
N ASP A 120 -7.19 -5.81 -50.20
CA ASP A 120 -7.36 -6.63 -51.39
C ASP A 120 -7.89 -8.02 -51.04
N LEU A 121 -7.39 -8.68 -49.99
CA LEU A 121 -7.98 -9.97 -49.55
C LEU A 121 -9.28 -9.87 -48.81
N LEU A 122 -9.46 -8.78 -48.09
CA LEU A 122 -10.58 -8.65 -47.16
C LEU A 122 -11.04 -7.20 -47.13
N PRO A 123 -11.86 -6.83 -48.11
CA PRO A 123 -12.37 -5.47 -48.18
C PRO A 123 -13.25 -5.10 -46.98
N ASN A 124 -14.10 -6.00 -46.52
CA ASN A 124 -14.86 -5.74 -45.30
C ASN A 124 -14.49 -6.70 -44.17
N PRO A 125 -13.66 -6.26 -43.21
CA PRO A 125 -13.19 -7.17 -42.20
C PRO A 125 -14.33 -7.57 -41.28
N PRO A 126 -14.17 -8.68 -40.56
CA PRO A 126 -15.23 -9.16 -39.71
C PRO A 126 -15.34 -8.30 -38.47
N LYS A 127 -16.56 -8.19 -37.98
CA LYS A 127 -16.85 -7.48 -36.74
C LYS A 127 -16.89 -8.38 -35.54
N THR A 128 -16.93 -9.69 -35.73
CA THR A 128 -16.94 -10.63 -34.60
C THR A 128 -15.84 -11.64 -34.72
N TRP A 129 -15.35 -12.08 -33.58
CA TRP A 129 -14.42 -13.20 -33.50
C TRP A 129 -15.11 -14.45 -34.04
N GLU A 130 -16.42 -14.58 -33.77
CA GLU A 130 -17.20 -15.75 -34.11
C GLU A 130 -17.28 -16.02 -35.58
N GLU A 131 -17.18 -15.01 -36.40
CA GLU A 131 -17.07 -15.15 -37.86
C GLU A 131 -15.75 -15.76 -38.35
N ILE A 132 -14.67 -15.67 -37.60
CA ILE A 132 -13.33 -15.91 -38.16
C ILE A 132 -13.08 -17.33 -38.68
N PRO A 133 -13.52 -18.33 -37.99
CA PRO A 133 -13.31 -19.70 -38.47
C PRO A 133 -13.89 -19.99 -39.87
N ALA A 134 -15.14 -19.56 -40.08
CA ALA A 134 -15.75 -19.66 -41.40
C ALA A 134 -14.97 -18.84 -42.41
N LEU A 135 -14.52 -17.67 -41.99
CA LEU A 135 -13.75 -16.85 -42.89
C LEU A 135 -12.41 -17.49 -43.23
N ASP A 136 -11.76 -18.13 -42.25
CA ASP A 136 -10.49 -18.80 -42.48
C ASP A 136 -10.65 -19.98 -43.42
N LYS A 137 -11.73 -20.72 -43.19
CA LYS A 137 -12.07 -21.89 -44.02
C LYS A 137 -12.16 -21.52 -45.49
N GLU A 138 -12.85 -20.44 -45.78
CA GLU A 138 -12.96 -19.94 -47.16
C GLU A 138 -11.63 -19.43 -47.76
N LEU A 139 -10.82 -18.74 -46.96
CA LEU A 139 -9.53 -18.21 -47.42
C LEU A 139 -8.45 -19.27 -47.58
N LYS A 140 -8.46 -20.26 -46.70
CA LYS A 140 -7.52 -21.38 -46.80
C LYS A 140 -7.63 -22.06 -48.20
N ALA A 141 -8.85 -22.22 -48.73
CA ALA A 141 -9.07 -22.83 -50.03
C ALA A 141 -8.29 -22.07 -51.16
N LYS A 142 -8.16 -20.76 -50.97
CA LYS A 142 -7.44 -19.87 -51.89
C LYS A 142 -6.02 -19.64 -51.49
N GLY A 143 -5.53 -20.38 -50.52
CA GLY A 143 -4.12 -20.29 -50.18
C GLY A 143 -3.78 -19.10 -49.30
N LYS A 144 -4.73 -18.74 -48.40
CA LYS A 144 -4.48 -17.64 -47.45
C LYS A 144 -5.02 -17.97 -46.07
N SER A 145 -4.48 -17.34 -45.03
CA SER A 145 -5.03 -17.49 -43.68
C SER A 145 -5.90 -16.29 -43.38
N ALA A 146 -6.95 -16.47 -42.60
CA ALA A 146 -7.70 -15.33 -42.10
C ALA A 146 -6.92 -14.41 -41.11
N LEU A 147 -6.38 -14.97 -40.04
CA LEU A 147 -5.81 -14.20 -38.93
C LEU A 147 -4.54 -14.76 -38.39
N MET A 148 -3.49 -13.95 -38.33
CA MET A 148 -2.27 -14.40 -37.70
C MET A 148 -1.74 -13.28 -36.83
N PHE A 149 -1.57 -13.60 -35.55
CA PHE A 149 -0.95 -12.68 -34.59
C PHE A 149 -0.15 -13.42 -33.53
N ASN A 150 0.69 -12.69 -32.81
CA ASN A 150 1.59 -13.27 -31.82
C ASN A 150 0.80 -13.91 -30.65
N LEU A 151 0.80 -15.24 -30.58
CA LEU A 151 0.20 -15.99 -29.51
C LEU A 151 1.16 -16.22 -28.37
N GLN A 152 2.43 -15.83 -28.52
CA GLN A 152 3.45 -16.00 -27.46
C GLN A 152 3.38 -14.95 -26.35
N GLU A 153 2.91 -13.74 -26.63
CA GLU A 153 2.85 -12.69 -25.66
C GLU A 153 1.39 -12.36 -25.33
N PRO A 154 1.05 -12.41 -24.04
CA PRO A 154 -0.31 -12.28 -23.58
C PRO A 154 -0.88 -10.88 -23.79
N TYR A 155 -0.04 -9.88 -24.00
CA TYR A 155 -0.50 -8.60 -24.47
C TYR A 155 -1.40 -8.78 -25.66
N PHE A 156 -1.06 -9.71 -26.55
CA PHE A 156 -1.84 -9.90 -27.80
C PHE A 156 -3.10 -10.67 -27.71
N THR A 157 -3.14 -11.63 -26.82
CA THR A 157 -4.32 -12.47 -26.64
C THR A 157 -5.24 -11.96 -25.51
N TRP A 158 -4.74 -11.09 -24.64
CA TRP A 158 -5.56 -10.63 -23.54
C TRP A 158 -6.83 -9.89 -23.94
N PRO A 159 -6.79 -9.14 -25.01
CA PRO A 159 -8.01 -8.46 -25.44
C PRO A 159 -9.23 -9.41 -25.67
N LEU A 160 -9.01 -10.60 -26.27
CA LEU A 160 -10.07 -11.61 -26.37
C LEU A 160 -10.48 -12.21 -25.00
N ILE A 161 -9.48 -12.47 -24.17
CA ILE A 161 -9.75 -13.04 -22.85
C ILE A 161 -10.52 -12.08 -21.94
N ALA A 162 -10.21 -10.80 -22.01
CA ALA A 162 -10.90 -9.79 -21.20
C ALA A 162 -12.29 -9.52 -21.67
N ALA A 163 -12.61 -9.79 -22.94
CA ALA A 163 -13.83 -9.24 -23.55
C ALA A 163 -15.13 -9.60 -22.80
N ASP A 164 -15.29 -10.89 -22.48
CA ASP A 164 -16.45 -11.40 -21.78
C ASP A 164 -16.35 -11.36 -20.24
N GLY A 165 -15.36 -10.67 -19.67
CA GLY A 165 -15.25 -10.63 -18.21
C GLY A 165 -13.87 -10.85 -17.54
N GLY A 166 -12.85 -11.32 -18.26
CA GLY A 166 -11.57 -11.38 -17.65
C GLY A 166 -11.02 -9.97 -17.25
N TYR A 167 -10.30 -9.91 -16.13
CA TYR A 167 -9.62 -8.74 -15.71
C TYR A 167 -8.42 -9.10 -14.84
N ALA A 168 -7.49 -8.17 -14.72
CA ALA A 168 -6.34 -8.38 -13.90
C ALA A 168 -6.67 -8.10 -12.47
N PHE A 169 -6.69 -6.86 -12.04
CA PHE A 169 -7.09 -6.52 -10.69
C PHE A 169 -8.33 -5.64 -10.75
N LYS A 170 -9.32 -5.99 -9.96
CA LYS A 170 -10.58 -5.24 -9.96
C LYS A 170 -10.40 -3.76 -9.69
N TYR A 171 -11.00 -2.95 -10.56
CA TYR A 171 -10.83 -1.51 -10.54
C TYR A 171 -12.15 -0.84 -10.35
N ALA A 172 -12.36 -0.28 -9.16
CA ALA A 172 -13.64 0.31 -8.80
C ALA A 172 -13.38 1.68 -8.21
N ALA A 173 -14.05 2.68 -8.75
CA ALA A 173 -13.98 4.03 -8.23
C ALA A 173 -12.54 4.56 -8.07
N GLY A 174 -11.67 4.25 -9.01
CA GLY A 174 -10.33 4.79 -9.04
C GLY A 174 -9.31 4.09 -8.18
N LYS A 175 -9.69 2.94 -7.59
CA LYS A 175 -8.78 2.13 -6.81
C LYS A 175 -8.74 0.66 -7.23
N TYR A 176 -7.52 0.07 -7.28
CA TYR A 176 -7.38 -1.31 -7.71
C TYR A 176 -7.44 -2.14 -6.51
N ASP A 177 -8.09 -3.28 -6.59
CA ASP A 177 -8.14 -4.24 -5.50
C ASP A 177 -7.22 -5.41 -5.89
N ILE A 178 -5.95 -5.33 -5.45
CA ILE A 178 -5.00 -6.36 -5.77
C ILE A 178 -5.30 -7.75 -5.19
N LYS A 179 -6.27 -7.84 -4.29
CA LYS A 179 -6.74 -9.11 -3.80
C LYS A 179 -7.86 -9.66 -4.65
N ASP A 180 -8.36 -8.92 -5.63
CA ASP A 180 -9.44 -9.44 -6.49
C ASP A 180 -8.97 -9.57 -7.98
N VAL A 181 -8.50 -10.77 -8.31
CA VAL A 181 -7.84 -11.04 -9.54
C VAL A 181 -8.85 -11.70 -10.42
N GLY A 182 -8.83 -11.36 -11.69
CA GLY A 182 -9.89 -11.80 -12.65
C GLY A 182 -9.47 -12.80 -13.73
N VAL A 183 -8.45 -13.59 -13.45
CA VAL A 183 -7.85 -14.46 -14.41
C VAL A 183 -8.61 -15.75 -14.65
N ASP A 184 -9.27 -16.31 -13.65
CA ASP A 184 -9.99 -17.60 -13.81
C ASP A 184 -11.48 -17.52 -13.62
N ASN A 185 -12.08 -16.43 -14.04
CA ASN A 185 -13.52 -16.34 -14.03
C ASN A 185 -14.06 -16.91 -15.30
N ALA A 186 -15.39 -16.93 -15.38
CA ALA A 186 -16.10 -17.46 -16.54
C ALA A 186 -15.80 -16.74 -17.84
N GLY A 187 -15.66 -15.40 -17.79
CA GLY A 187 -15.39 -14.61 -18.97
C GLY A 187 -14.03 -14.92 -19.58
N ALA A 188 -12.99 -15.04 -18.72
CA ALA A 188 -11.63 -15.35 -19.19
C ALA A 188 -11.58 -16.71 -19.77
N LYS A 189 -12.22 -17.66 -19.12
CA LYS A 189 -12.35 -19.03 -19.66
C LYS A 189 -13.05 -19.17 -21.02
N ALA A 190 -14.12 -18.43 -21.19
CA ALA A 190 -14.78 -18.36 -22.47
C ALA A 190 -13.85 -17.82 -23.57
N GLY A 191 -13.13 -16.72 -23.30
CA GLY A 191 -12.21 -16.21 -24.30
C GLY A 191 -11.04 -17.08 -24.66
N LEU A 192 -10.38 -17.60 -23.64
CA LEU A 192 -9.24 -18.46 -23.87
C LEU A 192 -9.69 -19.74 -24.57
N THR A 193 -10.89 -20.23 -24.22
CA THR A 193 -11.47 -21.37 -24.88
C THR A 193 -11.71 -21.10 -26.37
N PHE A 194 -12.26 -19.93 -26.71
CA PHE A 194 -12.43 -19.59 -28.12
C PHE A 194 -11.10 -19.61 -28.89
N LEU A 195 -10.05 -19.12 -28.26
CA LEU A 195 -8.73 -19.09 -28.84
C LEU A 195 -8.17 -20.48 -29.04
N VAL A 196 -8.25 -21.29 -28.03
CA VAL A 196 -7.81 -22.66 -28.10
C VAL A 196 -8.62 -23.48 -29.12
N ASP A 197 -9.93 -23.22 -29.26
CA ASP A 197 -10.71 -23.80 -30.32
C ASP A 197 -10.23 -23.39 -31.71
N LEU A 198 -9.85 -22.15 -31.91
CA LEU A 198 -9.29 -21.74 -33.20
C LEU A 198 -8.03 -22.53 -33.53
N ILE A 199 -7.21 -22.78 -32.52
CA ILE A 199 -6.01 -23.57 -32.73
C ILE A 199 -6.35 -25.03 -33.09
N LYS A 200 -7.22 -25.63 -32.29
CA LYS A 200 -7.64 -27.03 -32.48
C LYS A 200 -8.30 -27.31 -33.80
N ASN A 201 -9.04 -26.31 -34.32
CA ASN A 201 -9.66 -26.38 -35.64
C ASN A 201 -8.79 -25.83 -36.73
N LYS A 202 -7.51 -25.62 -36.44
CA LYS A 202 -6.51 -25.31 -37.42
C LYS A 202 -6.66 -23.94 -38.05
N HIS A 203 -7.33 -23.03 -37.37
CA HIS A 203 -7.38 -21.64 -37.85
C HIS A 203 -6.15 -20.80 -37.45
N MET A 204 -5.36 -21.29 -36.53
CA MET A 204 -4.15 -20.63 -36.09
C MET A 204 -3.25 -21.69 -35.51
N ASN A 205 -2.01 -21.36 -35.30
CA ASN A 205 -1.04 -22.29 -34.80
C ASN A 205 -0.55 -21.80 -33.46
N ALA A 206 -0.46 -22.72 -32.49
CA ALA A 206 0.05 -22.39 -31.17
C ALA A 206 1.44 -21.72 -31.12
N ASP A 207 2.30 -21.92 -32.11
CA ASP A 207 3.68 -21.45 -32.08
C ASP A 207 3.84 -20.16 -32.80
N THR A 208 2.80 -19.66 -33.41
CA THR A 208 2.88 -18.32 -34.07
C THR A 208 3.35 -17.27 -33.06
N ASP A 209 4.41 -16.57 -33.44
CA ASP A 209 5.03 -15.55 -32.60
C ASP A 209 5.03 -14.24 -33.35
N TYR A 210 5.72 -13.23 -32.80
CA TYR A 210 5.69 -11.94 -33.41
C TYR A 210 6.22 -11.94 -34.84
N SER A 211 7.41 -12.45 -35.05
CA SER A 211 8.04 -12.32 -36.34
C SER A 211 7.36 -13.16 -37.44
N ILE A 212 6.82 -14.33 -37.09
CA ILE A 212 6.04 -15.10 -38.05
C ILE A 212 4.81 -14.33 -38.51
N ALA A 213 4.05 -13.81 -37.54
CA ALA A 213 2.85 -13.05 -37.86
C ALA A 213 3.16 -11.85 -38.67
N GLU A 214 4.21 -11.12 -38.35
CA GLU A 214 4.54 -9.94 -39.08
C GLU A 214 4.86 -10.29 -40.56
N ALA A 215 5.74 -11.27 -40.74
CA ALA A 215 6.14 -11.70 -42.05
C ALA A 215 4.96 -12.17 -42.86
N ALA A 216 4.04 -12.91 -42.26
CA ALA A 216 2.91 -13.40 -43.04
C ALA A 216 2.05 -12.27 -43.51
N PHE A 217 1.77 -11.29 -42.63
CA PHE A 217 0.87 -10.22 -43.04
C PHE A 217 1.55 -9.37 -44.09
N ASN A 218 2.81 -9.08 -43.88
CA ASN A 218 3.52 -8.19 -44.75
C ASN A 218 3.84 -8.81 -46.10
N LYS A 219 3.88 -10.16 -46.18
CA LYS A 219 4.06 -10.85 -47.45
C LYS A 219 2.74 -11.20 -48.12
N GLY A 220 1.62 -10.79 -47.56
CA GLY A 220 0.31 -10.95 -48.16
C GLY A 220 -0.26 -12.36 -48.07
N GLU A 221 0.12 -13.08 -47.02
CA GLU A 221 -0.30 -14.47 -46.86
C GLU A 221 -1.43 -14.66 -45.86
N THR A 222 -1.76 -13.58 -45.17
CA THR A 222 -2.84 -13.59 -44.20
C THR A 222 -3.69 -12.34 -44.32
N ALA A 223 -4.98 -12.48 -44.12
CA ALA A 223 -5.88 -11.36 -44.30
C ALA A 223 -5.85 -10.38 -43.12
N MET A 224 -5.48 -10.84 -41.93
CA MET A 224 -5.49 -9.98 -40.74
C MET A 224 -4.35 -10.29 -39.79
N THR A 225 -3.97 -9.25 -39.04
CA THR A 225 -3.09 -9.40 -37.91
C THR A 225 -3.58 -8.51 -36.76
N ILE A 226 -2.96 -8.66 -35.61
CA ILE A 226 -3.22 -7.77 -34.49
C ILE A 226 -1.89 -7.22 -34.08
N ASN A 227 -1.74 -5.90 -34.17
CA ASN A 227 -0.52 -5.25 -33.82
C ASN A 227 -0.70 -3.81 -33.43
N GLY A 228 0.35 -3.25 -32.89
CA GLY A 228 0.43 -1.87 -32.54
C GLY A 228 0.92 -0.91 -33.62
N PRO A 229 0.83 0.40 -33.36
CA PRO A 229 1.30 1.41 -34.32
C PRO A 229 2.78 1.25 -34.84
N TRP A 230 3.64 0.69 -34.01
CA TRP A 230 5.05 0.54 -34.36
C TRP A 230 5.20 -0.35 -35.62
N ALA A 231 4.24 -1.23 -35.83
CA ALA A 231 4.21 -2.15 -36.95
C ALA A 231 3.82 -1.51 -38.29
N TRP A 232 3.21 -0.34 -38.29
CA TRP A 232 2.76 0.23 -39.51
C TRP A 232 3.87 0.56 -40.52
N SER A 233 5.05 0.88 -40.06
CA SER A 233 6.12 1.20 -40.96
C SER A 233 6.51 0.04 -41.87
N ASN A 234 6.72 -1.16 -41.31
CA ASN A 234 7.09 -2.29 -42.10
C ASN A 234 6.01 -2.60 -43.09
N ILE A 235 4.77 -2.40 -42.69
CA ILE A 235 3.66 -2.67 -43.60
C ILE A 235 3.69 -1.65 -44.73
N ASP A 236 4.10 -0.43 -44.43
CA ASP A 236 4.19 0.66 -45.44
C ASP A 236 5.23 0.33 -46.50
N THR A 237 6.38 -0.16 -46.06
CA THR A 237 7.43 -0.71 -46.93
C THR A 237 6.97 -1.87 -47.85
N SER A 238 6.07 -2.69 -47.39
CA SER A 238 5.60 -3.81 -48.19
C SER A 238 4.56 -3.40 -49.24
N ALA A 239 4.18 -4.39 -50.01
CA ALA A 239 3.18 -4.21 -51.07
C ALA A 239 1.72 -4.03 -50.54
N VAL A 240 1.47 -4.16 -49.24
CA VAL A 240 0.11 -4.45 -48.80
C VAL A 240 -0.70 -3.20 -48.74
N ASN A 241 -1.91 -3.31 -49.23
CA ASN A 241 -2.91 -2.31 -49.06
C ASN A 241 -3.73 -2.63 -47.82
N TYR A 242 -3.40 -1.90 -46.75
CA TYR A 242 -3.98 -2.21 -45.43
C TYR A 242 -4.84 -1.12 -44.80
N GLY A 243 -5.70 -1.56 -43.92
CA GLY A 243 -6.46 -0.70 -43.04
C GLY A 243 -6.29 -1.11 -41.57
N VAL A 244 -6.64 -0.18 -40.68
CA VAL A 244 -6.57 -0.33 -39.25
C VAL A 244 -7.94 -0.03 -38.69
N THR A 245 -8.44 -0.90 -37.84
CA THR A 245 -9.84 -0.85 -37.40
C THR A 245 -10.05 -1.41 -35.98
N VAL A 246 -11.27 -1.31 -35.46
CA VAL A 246 -11.56 -1.89 -34.17
C VAL A 246 -11.38 -3.40 -34.19
N LEU A 247 -10.96 -3.93 -33.06
CA LEU A 247 -10.91 -5.34 -32.87
C LEU A 247 -12.35 -5.96 -32.91
N PRO A 248 -12.44 -7.23 -33.28
CA PRO A 248 -13.74 -7.89 -33.32
C PRO A 248 -14.31 -8.06 -31.95
N THR A 249 -15.60 -8.17 -31.87
CA THR A 249 -16.24 -8.37 -30.63
C THR A 249 -16.23 -9.85 -30.27
N PHE A 250 -16.51 -10.16 -29.01
CA PHE A 250 -16.64 -11.54 -28.61
C PHE A 250 -17.86 -11.62 -27.69
N LYS A 251 -18.78 -12.53 -28.02
CA LYS A 251 -20.08 -12.65 -27.40
C LYS A 251 -20.77 -11.28 -27.31
N GLY A 252 -20.69 -10.54 -28.42
CA GLY A 252 -21.30 -9.28 -28.53
C GLY A 252 -20.61 -8.18 -27.78
N GLN A 253 -19.55 -8.46 -27.05
CA GLN A 253 -18.84 -7.42 -26.33
C GLN A 253 -17.51 -7.07 -26.95
N PRO A 254 -17.03 -5.86 -26.78
CA PRO A 254 -15.77 -5.46 -27.43
C PRO A 254 -14.56 -6.14 -26.85
N SER A 255 -13.58 -6.38 -27.70
CA SER A 255 -12.25 -6.77 -27.29
C SER A 255 -11.64 -5.61 -26.46
N LYS A 256 -10.96 -5.94 -25.38
CA LYS A 256 -10.54 -4.95 -24.42
C LYS A 256 -9.03 -4.97 -24.24
N PRO A 257 -8.30 -4.28 -25.12
CA PRO A 257 -6.89 -4.31 -25.04
C PRO A 257 -6.40 -3.58 -23.79
N PHE A 258 -5.31 -4.08 -23.21
CA PHE A 258 -4.62 -3.35 -22.21
C PHE A 258 -3.77 -2.33 -22.91
N VAL A 259 -3.92 -1.08 -22.54
CA VAL A 259 -3.34 0.05 -23.25
C VAL A 259 -2.10 0.53 -22.54
N GLY A 260 -1.06 0.73 -23.31
CA GLY A 260 0.21 1.11 -22.76
C GLY A 260 0.59 2.50 -23.10
N VAL A 261 1.26 3.16 -22.18
CA VAL A 261 1.87 4.41 -22.45
C VAL A 261 3.35 4.19 -22.45
N LEU A 262 3.95 4.21 -23.61
CA LEU A 262 5.40 4.18 -23.69
C LEU A 262 5.96 5.34 -22.87
N SER A 263 6.90 5.03 -21.99
CA SER A 263 7.43 6.00 -21.01
C SER A 263 8.91 5.91 -20.87
N ALA A 264 9.56 6.98 -20.41
CA ALA A 264 11.00 7.00 -20.24
C ALA A 264 11.34 7.32 -18.84
N GLY A 265 12.07 6.42 -18.20
CA GLY A 265 12.46 6.57 -16.79
C GLY A 265 13.95 6.82 -16.72
N ILE A 266 14.38 7.41 -15.61
CA ILE A 266 15.78 7.72 -15.40
C ILE A 266 16.33 6.82 -14.30
N ASN A 267 17.43 6.18 -14.60
CA ASN A 267 18.05 5.25 -13.71
C ASN A 267 18.43 5.98 -12.45
N ALA A 268 18.04 5.45 -11.29
CA ALA A 268 18.38 6.02 -9.99
C ALA A 268 19.86 6.11 -9.71
N ALA A 269 20.66 5.31 -10.39
CA ALA A 269 22.09 5.31 -10.22
C ALA A 269 22.77 6.18 -11.24
N SER A 270 22.02 6.86 -12.10
CA SER A 270 22.69 7.59 -13.16
C SER A 270 23.32 8.83 -12.57
N PRO A 271 24.57 9.09 -12.97
CA PRO A 271 25.24 10.32 -12.58
C PRO A 271 24.96 11.49 -13.58
N ASN A 272 24.10 11.25 -14.57
CA ASN A 272 23.77 12.23 -15.57
C ASN A 272 22.31 12.66 -15.52
N LYS A 273 21.73 12.75 -14.34
CA LYS A 273 20.29 12.93 -14.26
C LYS A 273 19.82 14.22 -14.88
N GLU A 274 20.55 15.29 -14.64
CA GLU A 274 20.22 16.57 -15.26
C GLU A 274 20.34 16.56 -16.78
N LEU A 275 21.30 15.84 -17.33
CA LEU A 275 21.41 15.68 -18.80
C LEU A 275 20.27 14.89 -19.40
N ALA A 276 19.86 13.84 -18.70
CA ALA A 276 18.70 13.04 -19.13
C ALA A 276 17.40 13.86 -19.15
N LYS A 277 17.16 14.61 -18.09
CA LYS A 277 15.96 15.42 -18.04
C LYS A 277 15.98 16.43 -19.20
N GLU A 278 17.14 17.08 -19.38
CA GLU A 278 17.31 17.99 -20.47
C GLU A 278 17.06 17.36 -21.83
N PHE A 279 17.63 16.18 -22.10
CA PHE A 279 17.40 15.43 -23.36
C PHE A 279 15.93 15.09 -23.57
N LEU A 280 15.27 14.58 -22.52
CA LEU A 280 13.87 14.23 -22.60
C LEU A 280 12.89 15.39 -22.73
N GLU A 281 13.02 16.41 -21.90
CA GLU A 281 12.08 17.57 -21.90
C GLU A 281 12.33 18.44 -23.11
N ASN A 282 13.57 18.73 -23.41
CA ASN A 282 13.89 19.68 -24.50
C ASN A 282 14.29 19.13 -25.82
N TYR A 283 14.56 17.82 -25.94
CA TYR A 283 14.89 17.27 -27.24
C TYR A 283 13.87 16.29 -27.74
N LEU A 284 13.67 15.22 -26.98
CA LEU A 284 12.72 14.22 -27.37
C LEU A 284 11.28 14.71 -27.37
N LEU A 285 10.78 15.25 -26.25
CA LEU A 285 9.34 15.65 -26.14
C LEU A 285 9.09 17.03 -26.70
N THR A 286 9.35 17.15 -28.01
CA THR A 286 9.12 18.38 -28.79
C THR A 286 8.59 17.91 -30.11
N ASP A 287 7.96 18.81 -30.86
CA ASP A 287 7.41 18.41 -32.16
C ASP A 287 8.50 17.74 -32.99
N GLU A 288 9.67 18.33 -32.99
CA GLU A 288 10.75 17.90 -33.84
C GLU A 288 11.28 16.53 -33.40
N GLY A 289 11.51 16.34 -32.10
CA GLY A 289 12.04 15.09 -31.58
C GLY A 289 11.09 13.95 -31.79
N LEU A 290 9.80 14.17 -31.48
CA LEU A 290 8.81 13.13 -31.64
C LEU A 290 8.64 12.77 -33.07
N GLU A 291 8.75 13.76 -33.95
CA GLU A 291 8.65 13.52 -35.38
C GLU A 291 9.76 12.58 -35.90
N ALA A 292 10.98 12.80 -35.45
CA ALA A 292 12.10 11.95 -35.80
C ALA A 292 11.80 10.48 -35.41
N VAL A 293 11.40 10.26 -34.17
CA VAL A 293 11.05 8.93 -33.76
C VAL A 293 9.88 8.42 -34.54
N ASN A 294 8.83 9.20 -34.62
CA ASN A 294 7.61 8.74 -35.25
C ASN A 294 7.79 8.36 -36.75
N LYS A 295 8.66 9.04 -37.44
CA LYS A 295 8.96 8.72 -38.82
C LYS A 295 9.75 7.45 -39.01
N ASP A 296 10.54 7.00 -38.02
CA ASP A 296 11.17 5.71 -38.06
C ASP A 296 10.12 4.65 -37.86
N LYS A 297 9.56 4.56 -36.68
CA LYS A 297 8.40 3.68 -36.40
C LYS A 297 7.34 4.47 -35.63
N PRO A 298 6.09 4.42 -36.06
CA PRO A 298 5.06 5.20 -35.42
C PRO A 298 4.82 4.89 -33.94
N LEU A 299 4.56 5.95 -33.19
CA LEU A 299 4.50 5.91 -31.75
C LEU A 299 3.10 5.67 -31.23
N GLY A 300 2.11 5.92 -32.02
CA GLY A 300 0.77 5.91 -31.56
C GLY A 300 0.31 7.34 -31.36
N ALA A 301 -0.60 7.55 -30.41
CA ALA A 301 -1.03 8.90 -30.09
C ALA A 301 -0.13 9.50 -29.06
N VAL A 302 0.70 10.44 -29.49
CA VAL A 302 1.74 11.01 -28.61
C VAL A 302 1.24 11.89 -27.49
N ALA A 303 2.02 11.92 -26.43
CA ALA A 303 1.62 12.55 -25.17
C ALA A 303 1.64 14.04 -25.30
N LEU A 304 2.47 14.55 -26.22
CA LEU A 304 2.61 15.98 -26.50
C LEU A 304 1.44 16.46 -27.35
N LYS A 305 0.61 17.28 -26.76
CA LYS A 305 -0.59 17.79 -27.40
C LYS A 305 -0.27 18.48 -28.74
N SER A 306 0.80 19.24 -28.80
CA SER A 306 1.06 20.03 -30.01
C SER A 306 1.33 19.13 -31.22
N TYR A 307 2.08 18.06 -31.03
CA TYR A 307 2.35 17.18 -32.09
C TYR A 307 1.17 16.22 -32.35
N GLU A 308 0.49 15.77 -31.29
CA GLU A 308 -0.65 14.88 -31.45
C GLU A 308 -1.82 15.47 -32.23
N GLU A 309 -2.00 16.80 -32.20
CA GLU A 309 -3.06 17.37 -33.05
C GLU A 309 -2.80 17.16 -34.54
N GLU A 310 -1.53 17.14 -34.96
CA GLU A 310 -1.15 16.74 -36.31
C GLU A 310 -1.43 15.25 -36.60
N LEU A 311 -0.98 14.38 -35.69
CA LEU A 311 -1.11 12.97 -35.87
C LEU A 311 -2.54 12.46 -35.84
N ALA A 312 -3.41 13.17 -35.12
CA ALA A 312 -4.80 12.79 -34.97
C ALA A 312 -5.61 12.89 -36.21
N LYS A 313 -5.07 13.55 -37.24
CA LYS A 313 -5.66 13.51 -38.59
C LYS A 313 -5.65 12.10 -39.22
N ASP A 314 -4.67 11.28 -38.89
CA ASP A 314 -4.57 9.97 -39.42
C ASP A 314 -5.63 9.02 -38.89
N PRO A 315 -6.36 8.33 -39.76
CA PRO A 315 -7.43 7.40 -39.32
C PRO A 315 -6.93 6.15 -38.66
N ARG A 316 -5.65 5.85 -38.84
CA ARG A 316 -5.01 4.78 -38.04
C ARG A 316 -4.94 5.12 -36.54
N ILE A 317 -4.72 6.39 -36.23
CA ILE A 317 -4.76 6.87 -34.87
C ILE A 317 -6.16 6.88 -34.30
N ALA A 318 -7.15 7.14 -35.11
CA ALA A 318 -8.50 7.05 -34.64
C ALA A 318 -8.86 5.65 -34.23
N ALA A 319 -8.49 4.67 -35.08
CA ALA A 319 -8.74 3.26 -34.76
C ALA A 319 -7.98 2.84 -33.52
N THR A 320 -6.72 3.29 -33.37
CA THR A 320 -5.92 3.01 -32.15
C THR A 320 -6.65 3.50 -30.86
N MET A 321 -7.09 4.74 -30.91
CA MET A 321 -7.86 5.35 -29.83
C MET A 321 -9.26 4.81 -29.64
N GLU A 322 -9.86 4.28 -30.68
CA GLU A 322 -11.16 3.61 -30.50
C GLU A 322 -10.96 2.32 -29.67
N ASN A 323 -9.97 1.51 -30.04
CA ASN A 323 -9.60 0.33 -29.25
C ASN A 323 -9.12 0.66 -27.85
N ALA A 324 -8.33 1.73 -27.73
CA ALA A 324 -7.91 2.22 -26.42
C ALA A 324 -9.10 2.56 -25.47
N GLN A 325 -10.15 3.17 -26.00
CA GLN A 325 -11.31 3.50 -25.22
C GLN A 325 -12.03 2.25 -24.84
N LYS A 326 -12.09 1.28 -25.73
CA LYS A 326 -12.77 0.05 -25.40
C LYS A 326 -12.01 -0.82 -24.39
N GLY A 327 -10.68 -0.71 -24.39
CA GLY A 327 -9.83 -1.37 -23.45
C GLY A 327 -9.67 -0.59 -22.20
N GLU A 328 -8.54 -0.78 -21.52
CA GLU A 328 -8.25 -0.14 -20.24
C GLU A 328 -6.79 0.20 -20.21
N ILE A 329 -6.43 1.37 -19.68
CA ILE A 329 -5.03 1.68 -19.43
C ILE A 329 -4.54 0.68 -18.36
N MET A 330 -3.36 0.15 -18.55
CA MET A 330 -2.80 -0.73 -17.57
C MET A 330 -2.52 0.03 -16.27
N PRO A 331 -2.58 -0.67 -15.15
CA PRO A 331 -2.01 -0.21 -13.94
C PRO A 331 -0.51 -0.15 -14.04
N ASN A 332 0.13 0.74 -13.30
CA ASN A 332 1.60 0.79 -13.19
C ASN A 332 2.11 0.08 -11.92
N ILE A 333 1.21 -0.52 -11.16
CA ILE A 333 1.57 -1.14 -9.89
C ILE A 333 2.54 -2.32 -10.04
N PRO A 334 3.34 -2.61 -8.99
CA PRO A 334 4.37 -3.67 -9.07
C PRO A 334 3.75 -5.02 -9.43
N GLN A 335 2.51 -5.22 -9.03
CA GLN A 335 1.77 -6.46 -9.23
C GLN A 335 1.49 -6.79 -10.69
N MET A 336 1.66 -5.82 -11.61
CA MET A 336 1.44 -6.05 -13.01
C MET A 336 2.33 -7.14 -13.56
N SER A 337 3.62 -7.15 -13.16
CA SER A 337 4.55 -8.19 -13.67
C SER A 337 4.12 -9.58 -13.25
N ALA A 338 3.53 -9.65 -12.05
CA ALA A 338 2.98 -10.89 -11.58
C ALA A 338 1.85 -11.35 -12.45
N PHE A 339 0.95 -10.43 -12.76
CA PHE A 339 -0.16 -10.74 -13.66
C PHE A 339 0.33 -11.24 -15.01
N TRP A 340 1.26 -10.52 -15.57
CA TRP A 340 1.78 -10.86 -16.89
C TRP A 340 2.43 -12.25 -16.96
N TYR A 341 3.33 -12.55 -16.04
CA TYR A 341 3.99 -13.84 -16.02
C TYR A 341 3.02 -15.00 -15.81
N ALA A 342 2.01 -14.81 -14.99
CA ALA A 342 1.07 -15.87 -14.83
C ALA A 342 0.24 -16.11 -16.08
N VAL A 343 -0.20 -15.04 -16.70
CA VAL A 343 -1.08 -15.16 -17.85
C VAL A 343 -0.30 -15.67 -19.04
N ARG A 344 0.97 -15.30 -19.14
CA ARG A 344 1.80 -15.73 -20.23
C ARG A 344 1.91 -17.24 -20.30
N THR A 345 2.21 -17.87 -19.17
CA THR A 345 2.33 -19.27 -19.11
C THR A 345 0.99 -19.97 -19.38
N ALA A 346 -0.08 -19.42 -18.87
CA ALA A 346 -1.37 -20.03 -19.03
C ALA A 346 -1.79 -20.10 -20.47
N VAL A 347 -1.58 -19.02 -21.20
CA VAL A 347 -2.01 -18.98 -22.57
C VAL A 347 -1.18 -19.93 -23.40
N ILE A 348 0.12 -19.95 -23.18
CA ILE A 348 0.97 -20.86 -23.90
C ILE A 348 0.60 -22.34 -23.61
N ASN A 349 0.39 -22.66 -22.33
CA ASN A 349 0.05 -24.03 -21.93
C ASN A 349 -1.29 -24.46 -22.51
N ALA A 350 -2.31 -23.59 -22.44
CA ALA A 350 -3.59 -23.90 -23.01
C ALA A 350 -3.53 -24.07 -24.54
N ALA A 351 -2.81 -23.18 -25.20
CA ALA A 351 -2.67 -23.18 -26.66
C ALA A 351 -2.03 -24.44 -27.16
N SER A 352 -0.97 -24.87 -26.48
CA SER A 352 -0.23 -26.08 -26.85
C SER A 352 -0.85 -27.36 -26.35
N GLY A 353 -1.86 -27.30 -25.51
CA GLY A 353 -2.45 -28.49 -24.92
C GLY A 353 -1.71 -29.04 -23.71
N ARG A 354 -0.62 -28.42 -23.28
CA ARG A 354 0.05 -28.82 -22.06
C ARG A 354 -0.84 -28.75 -20.79
N GLN A 355 -1.79 -27.84 -20.73
CA GLN A 355 -2.82 -27.76 -19.68
C GLN A 355 -4.14 -27.52 -20.34
N THR A 356 -5.23 -27.89 -19.66
CA THR A 356 -6.54 -27.54 -20.17
C THR A 356 -6.76 -26.07 -19.87
N VAL A 357 -7.83 -25.49 -20.41
CA VAL A 357 -8.11 -24.08 -20.18
C VAL A 357 -8.36 -23.81 -18.70
N ASP A 358 -9.20 -24.64 -18.10
CA ASP A 358 -9.55 -24.43 -16.72
C ASP A 358 -8.38 -24.58 -15.83
N ALA A 359 -7.57 -25.57 -16.08
CA ALA A 359 -6.40 -25.76 -15.30
C ALA A 359 -5.33 -24.66 -15.53
N ALA A 360 -5.11 -24.25 -16.75
CA ALA A 360 -4.17 -23.16 -17.01
C ALA A 360 -4.59 -21.88 -16.31
N LEU A 361 -5.87 -21.52 -16.40
CA LEU A 361 -6.33 -20.32 -15.72
C LEU A 361 -6.45 -20.43 -14.17
N ALA A 362 -6.77 -21.59 -13.66
CA ALA A 362 -6.73 -21.78 -12.19
C ALA A 362 -5.34 -21.64 -11.65
N ALA A 363 -4.34 -22.21 -12.31
CA ALA A 363 -2.98 -22.02 -11.85
C ALA A 363 -2.51 -20.55 -11.95
N ALA A 364 -2.84 -19.88 -13.06
CA ALA A 364 -2.46 -18.52 -13.24
C ALA A 364 -3.06 -17.66 -12.14
N GLN A 365 -4.31 -17.92 -11.81
CA GLN A 365 -4.98 -17.13 -10.82
C GLN A 365 -4.26 -17.30 -9.48
N THR A 366 -3.89 -18.54 -9.18
CA THR A 366 -3.19 -18.83 -7.94
C THR A 366 -1.85 -18.17 -7.89
N ASN A 367 -1.10 -18.25 -8.97
CA ASN A 367 0.20 -17.62 -9.00
C ASN A 367 0.19 -16.10 -8.92
N ALA A 368 -0.70 -15.49 -9.67
CA ALA A 368 -0.85 -14.05 -9.66
C ALA A 368 -1.27 -13.57 -8.26
N ALA A 369 -2.21 -14.27 -7.64
CA ALA A 369 -2.56 -13.96 -6.25
C ALA A 369 -1.36 -14.09 -5.30
N ALA A 370 -0.58 -15.15 -5.46
CA ALA A 370 0.57 -15.35 -4.58
C ALA A 370 1.62 -14.26 -4.77
N MET A 371 1.97 -13.99 -6.00
CA MET A 371 2.95 -12.97 -6.29
C MET A 371 2.48 -11.55 -6.01
N SER A 372 1.22 -11.30 -6.20
CA SER A 372 0.68 -10.00 -5.85
C SER A 372 0.73 -9.69 -4.38
N ALA A 373 0.40 -10.67 -3.56
CA ALA A 373 0.51 -10.55 -2.12
C ALA A 373 1.98 -10.35 -1.71
N GLY A 374 2.93 -11.05 -2.33
CA GLY A 374 4.36 -10.88 -2.05
C GLY A 374 4.92 -9.50 -2.38
N LEU A 375 4.44 -8.92 -3.47
CA LEU A 375 4.87 -7.65 -3.91
C LEU A 375 4.23 -6.55 -3.12
N ASP A 376 3.12 -6.83 -2.44
CA ASP A 376 2.49 -5.85 -1.59
C ASP A 376 3.19 -5.75 -0.24
N ILE A 377 4.12 -4.82 -0.13
CA ILE A 377 4.94 -4.67 1.04
C ILE A 377 4.21 -3.94 2.16
N HIS A 378 2.98 -3.52 1.93
CA HIS A 378 2.31 -2.64 2.86
C HIS A 378 1.52 -3.34 3.95
N PHE A 379 1.40 -2.65 5.09
CA PHE A 379 0.58 -3.08 6.19
C PHE A 379 0.97 -4.41 6.81
N ARG A 380 2.27 -4.65 6.90
CA ARG A 380 2.75 -5.89 7.48
C ARG A 380 3.32 -5.64 8.88
N GLY A 381 3.11 -6.61 9.77
CA GLY A 381 3.71 -6.57 11.10
C GLY A 381 4.20 -7.94 11.43
N LYS A 382 5.33 -8.03 12.12
CA LYS A 382 5.92 -9.35 12.42
C LYS A 382 5.90 -9.73 13.89
N THR A 383 4.84 -9.38 14.61
CA THR A 383 4.86 -9.56 16.08
C THR A 383 3.53 -9.91 16.74
N LYS A 384 3.66 -10.34 17.99
CA LYS A 384 2.48 -10.81 18.81
C LYS A 384 2.83 -10.94 20.27
N SER A 397 24.17 -16.18 9.22
CA SER A 397 25.46 -15.64 8.74
C SER A 397 25.94 -16.28 7.41
N ARG A 398 25.00 -16.49 6.48
CA ARG A 398 25.28 -17.13 5.18
C ARG A 398 24.48 -16.47 4.09
N ASN A 399 24.97 -16.57 2.86
CA ASN A 399 24.27 -16.02 1.71
C ASN A 399 22.93 -16.76 1.57
N MET A 400 21.87 -16.04 1.20
CA MET A 400 20.54 -16.63 1.04
C MET A 400 20.50 -17.69 -0.04
N LYS A 401 21.32 -17.51 -1.07
CA LYS A 401 21.56 -18.52 -2.10
C LYS A 401 22.26 -19.70 -1.43
N GLU A 402 23.19 -19.38 -0.54
CA GLU A 402 23.98 -20.38 0.14
C GLU A 402 23.09 -21.30 0.99
N LYS A 403 22.18 -20.69 1.76
CA LYS A 403 21.25 -21.42 2.61
C LYS A 403 20.31 -22.34 1.82
N LEU A 404 19.74 -21.84 0.73
CA LEU A 404 18.86 -22.64 -0.07
C LEU A 404 19.58 -23.81 -0.67
N GLU A 405 20.77 -23.56 -1.15
CA GLU A 405 21.56 -24.64 -1.76
C GLU A 405 21.89 -25.71 -0.68
N ASP A 406 22.30 -25.27 0.49
CA ASP A 406 22.49 -26.20 1.61
C ASP A 406 21.23 -27.02 1.99
N MET A 407 20.10 -26.33 2.12
CA MET A 407 18.86 -26.92 2.48
C MET A 407 18.47 -27.95 1.47
N GLU A 408 18.55 -27.61 0.20
CA GLU A 408 18.16 -28.55 -0.87
C GLU A 408 19.03 -29.80 -0.93
N SER A 409 20.33 -29.72 -0.65
CA SER A 409 21.15 -30.93 -0.69
C SER A 409 20.88 -31.85 0.47
N VAL A 410 20.58 -31.27 1.64
CA VAL A 410 20.16 -32.05 2.83
C VAL A 410 18.88 -32.81 2.56
N LEU A 411 17.89 -32.15 1.97
CA LEU A 411 16.64 -32.83 1.70
C LEU A 411 16.76 -33.85 0.59
N LYS A 412 17.70 -33.65 -0.34
CA LYS A 412 17.99 -34.58 -1.39
C LYS A 412 18.54 -35.89 -0.84
N ASP A 413 19.31 -35.85 0.24
CA ASP A 413 19.79 -37.07 0.89
C ASP A 413 18.71 -37.93 1.56
N LEU A 414 17.49 -37.43 1.73
CA LEU A 414 16.41 -38.15 2.35
C LEU A 414 15.94 -39.20 1.38
N THR A 415 15.29 -40.24 1.90
CA THR A 415 14.64 -41.20 1.08
C THR A 415 13.38 -40.55 0.61
N GLU A 416 12.72 -41.16 -0.34
CA GLU A 416 11.46 -40.61 -0.77
C GLU A 416 10.36 -40.66 0.31
N GLU A 417 10.30 -41.71 1.11
CA GLU A 417 9.29 -41.76 2.15
C GLU A 417 9.51 -40.62 3.16
N LYS A 418 10.76 -40.43 3.55
CA LYS A 418 11.04 -39.38 4.47
C LYS A 418 10.73 -37.99 3.91
N ARG A 419 10.90 -37.81 2.62
CA ARG A 419 10.54 -36.55 1.98
C ARG A 419 9.06 -36.20 2.08
N LYS A 420 8.23 -37.21 1.79
CA LYS A 420 6.79 -37.07 1.92
C LYS A 420 6.34 -36.88 3.32
N ASP A 421 7.03 -37.49 4.26
CA ASP A 421 6.71 -37.25 5.69
C ASP A 421 7.07 -35.84 6.13
N VAL A 422 8.25 -35.35 5.72
CA VAL A 422 8.57 -33.92 5.93
C VAL A 422 7.44 -33.04 5.29
N LEU A 423 7.07 -33.34 4.07
CA LEU A 423 6.07 -32.56 3.38
C LEU A 423 4.70 -32.55 4.05
N ASN A 424 4.30 -33.67 4.64
CA ASN A 424 3.07 -33.74 5.39
C ASN A 424 3.08 -32.73 6.51
N SER A 425 4.14 -32.67 7.28
CA SER A 425 4.16 -31.68 8.40
C SER A 425 4.22 -30.28 7.91
N LEU A 426 5.02 -29.98 6.87
CA LEU A 426 5.24 -28.59 6.44
C LEU A 426 3.99 -27.99 5.80
N ALA A 427 3.28 -28.80 5.01
CA ALA A 427 2.02 -28.36 4.40
C ALA A 427 0.99 -27.92 5.44
N LYS A 428 0.96 -28.56 6.61
CA LYS A 428 0.12 -28.13 7.75
C LYS A 428 0.46 -26.77 8.31
N CYS A 429 1.69 -26.33 8.14
CA CYS A 429 2.10 -25.03 8.67
C CYS A 429 1.58 -23.88 7.85
N LEU A 430 1.23 -24.14 6.57
CA LEU A 430 0.87 -23.08 5.63
C LEU A 430 -0.42 -22.37 5.98
N GLY A 431 -0.30 -21.10 6.32
CA GLY A 431 -1.42 -20.31 6.78
C GLY A 431 -1.75 -20.45 8.25
N LYS A 432 -0.94 -21.17 9.02
CA LYS A 432 -1.26 -21.48 10.39
C LYS A 432 -0.12 -21.16 11.29
N GLU A 433 -0.09 -19.96 11.80
CA GLU A 433 1.02 -19.54 12.61
C GLU A 433 1.17 -20.34 13.92
N ASP A 434 0.09 -20.90 14.42
CA ASP A 434 0.16 -21.74 15.60
C ASP A 434 0.94 -23.02 15.36
N ILE A 435 0.60 -23.67 14.29
CA ILE A 435 1.26 -24.90 13.90
C ILE A 435 2.73 -24.72 13.51
N ARG A 436 3.04 -23.62 12.85
CA ARG A 436 4.39 -23.29 12.46
C ARG A 436 5.27 -23.03 13.68
N GLN A 437 4.76 -22.20 14.54
CA GLN A 437 5.45 -21.89 15.79
C GLN A 437 5.69 -23.11 16.68
N ASP A 438 4.70 -23.99 16.79
CA ASP A 438 4.84 -25.23 17.49
C ASP A 438 5.90 -26.20 16.86
N LEU A 439 5.89 -26.35 15.55
CA LEU A 439 6.82 -27.21 14.88
C LEU A 439 8.20 -26.64 15.07
N GLU A 440 8.33 -25.32 15.10
CA GLU A 440 9.60 -24.67 15.35
C GLU A 440 10.13 -24.96 16.73
N GLN A 441 9.26 -24.93 17.72
CA GLN A 441 9.63 -25.29 19.10
C GLN A 441 10.07 -26.74 19.19
N ARG A 442 9.31 -27.65 18.59
CA ARG A 442 9.65 -29.03 18.62
C ARG A 442 10.94 -29.39 17.85
N VAL A 443 11.15 -28.82 16.68
CA VAL A 443 12.36 -29.13 15.92
C VAL A 443 13.57 -28.68 16.71
N SER A 444 13.43 -27.52 17.29
CA SER A 444 14.46 -26.92 18.10
C SER A 444 14.78 -27.71 19.40
N GLU A 445 13.77 -28.18 20.10
CA GLU A 445 13.96 -29.09 21.22
C GLU A 445 14.62 -30.41 20.81
N VAL A 446 14.18 -31.00 19.71
CA VAL A 446 14.78 -32.24 19.21
C VAL A 446 16.26 -32.00 18.86
N LEU A 447 16.57 -30.88 18.25
CA LEU A 447 17.96 -30.51 17.99
C LEU A 447 18.91 -30.39 19.19
N ILE A 448 18.46 -29.79 20.27
CA ILE A 448 19.18 -29.78 21.51
C ILE A 448 19.24 -31.15 22.23
N SER A 449 18.09 -31.75 22.48
CA SER A 449 18.00 -32.96 23.27
C SER A 449 18.42 -34.20 22.51
N ARG A 450 18.42 -34.13 21.19
CA ARG A 450 18.74 -35.24 20.30
C ARG A 450 17.80 -36.44 20.44
N GLU A 451 16.57 -36.19 20.88
CA GLU A 451 15.65 -37.24 21.25
C GLU A 451 14.24 -36.86 20.87
N LEU A 452 13.41 -37.84 20.50
CA LEU A 452 11.99 -37.58 20.29
C LEU A 452 11.21 -37.88 21.52
N HIS A 453 10.35 -36.98 21.93
CA HIS A 453 9.43 -37.15 23.06
C HIS A 453 8.09 -37.61 22.60
N MET A 454 7.19 -37.86 23.54
CA MET A 454 5.92 -38.48 23.21
C MET A 454 5.05 -37.56 22.35
N GLU A 455 5.04 -36.29 22.66
CA GLU A 455 4.29 -35.37 21.86
C GLU A 455 4.84 -35.20 20.44
N ASP A 456 5.98 -35.83 20.12
CA ASP A 456 6.54 -35.73 18.79
C ASP A 456 6.07 -36.84 17.94
N SER A 457 5.50 -37.88 18.53
CA SER A 457 5.23 -39.13 17.81
C SER A 457 4.20 -39.02 16.74
N ASP A 458 3.33 -38.02 16.81
CA ASP A 458 2.36 -37.81 15.71
C ASP A 458 2.80 -36.77 14.66
N LYS A 459 4.05 -36.35 14.67
CA LYS A 459 4.57 -35.43 13.69
C LYS A 459 5.58 -36.11 12.81
N PRO A 460 5.19 -36.43 11.63
CA PRO A 460 6.01 -37.22 10.76
C PRO A 460 7.37 -36.60 10.51
N LEU A 461 7.39 -35.28 10.37
CA LEU A 461 8.60 -34.58 10.10
C LEU A 461 9.68 -34.89 11.16
N LEU A 462 9.29 -34.92 12.39
CA LEU A 462 10.25 -35.03 13.49
C LEU A 462 11.01 -36.37 13.48
N SER A 463 10.36 -37.46 13.14
CA SER A 463 11.05 -38.73 12.93
C SER A 463 11.89 -38.71 11.69
N SER A 464 11.48 -37.91 10.74
CA SER A 464 12.23 -37.75 9.50
C SER A 464 13.61 -37.15 9.69
N LEU A 465 13.81 -36.44 10.81
CA LEU A 465 15.08 -35.88 11.11
C LEU A 465 16.09 -36.93 11.59
N PHE A 466 15.67 -38.16 11.80
CA PHE A 466 16.52 -39.27 12.20
C PHE A 466 16.84 -40.27 11.13
N ASN A 467 18.07 -40.79 11.17
CA ASN A 467 18.51 -41.83 10.23
C ASN A 467 18.02 -43.19 10.62
N ALA A 468 18.29 -44.17 9.81
CA ALA A 468 17.87 -45.55 10.06
C ALA A 468 18.55 -46.14 11.26
N ALA A 469 19.61 -45.51 11.78
CA ALA A 469 20.18 -45.99 13.03
C ALA A 469 19.54 -45.32 14.27
N GLY A 470 18.49 -44.55 14.06
CA GLY A 470 17.80 -43.86 15.16
C GLY A 470 18.50 -42.67 15.68
N VAL A 471 19.43 -42.14 14.91
CA VAL A 471 20.30 -41.05 15.39
C VAL A 471 19.91 -39.81 14.62
N LEU A 472 19.92 -38.68 15.30
CA LEU A 472 19.52 -37.42 14.72
C LEU A 472 20.53 -36.92 13.73
N VAL A 473 20.06 -36.47 12.57
CA VAL A 473 20.91 -35.82 11.59
C VAL A 473 20.71 -34.30 11.68
N GLU A 474 21.64 -33.63 12.30
CA GLU A 474 21.50 -32.25 12.75
C GLU A 474 21.19 -31.34 11.58
N ALA A 475 21.78 -31.61 10.44
CA ALA A 475 21.59 -30.80 9.30
C ALA A 475 20.14 -30.78 8.77
N ARG A 476 19.41 -31.89 8.92
CA ARG A 476 17.97 -31.97 8.59
C ARG A 476 17.18 -31.04 9.47
N ALA A 477 17.50 -30.98 10.74
CA ALA A 477 16.80 -30.10 11.69
C ALA A 477 16.99 -28.66 11.33
N LYS A 478 18.23 -28.31 11.06
CA LYS A 478 18.62 -26.95 10.69
C LYS A 478 17.98 -26.52 9.38
N ALA A 479 17.94 -27.41 8.41
CA ALA A 479 17.27 -27.10 7.16
C ALA A 479 15.80 -26.78 7.41
N ILE A 480 15.11 -27.57 8.24
CA ILE A 480 13.73 -27.31 8.57
C ILE A 480 13.56 -25.97 9.32
N LEU A 481 14.44 -25.70 10.28
CA LEU A 481 14.38 -24.41 10.97
C LEU A 481 14.58 -23.25 9.99
N ASP A 482 15.46 -23.43 9.01
CA ASP A 482 15.61 -22.43 7.98
C ASP A 482 14.33 -22.19 7.17
N PHE A 483 13.63 -23.27 6.79
CA PHE A 483 12.38 -23.18 6.08
C PHE A 483 11.32 -22.48 6.89
N LEU A 484 11.20 -22.82 8.16
CA LEU A 484 10.16 -22.19 9.02
C LEU A 484 10.43 -20.73 9.32
N ASP A 485 11.69 -20.32 9.39
CA ASP A 485 12.07 -18.87 9.43
C ASP A 485 11.64 -18.14 8.14
N ALA A 486 11.89 -18.71 6.97
CA ALA A 486 11.41 -18.16 5.73
C ALA A 486 9.88 -18.05 5.65
N LEU A 487 9.20 -19.10 6.09
CA LEU A 487 7.75 -19.12 6.03
C LEU A 487 7.16 -18.03 6.89
N LEU A 488 7.86 -17.67 7.95
CA LEU A 488 7.42 -16.57 8.82
C LEU A 488 7.42 -15.25 8.09
N GLU A 489 8.37 -15.04 7.19
CA GLU A 489 8.40 -13.83 6.39
C GLU A 489 7.15 -13.63 5.58
N LEU A 490 6.38 -14.69 5.33
CA LEU A 490 5.27 -14.61 4.41
C LEU A 490 4.00 -14.33 5.11
N SER A 491 3.18 -13.52 4.48
CA SER A 491 1.87 -13.21 5.01
C SER A 491 0.89 -14.01 4.16
N GLU A 492 -0.01 -13.39 3.44
CA GLU A 492 -1.11 -14.07 2.78
C GLU A 492 -0.73 -14.86 1.54
N GLU A 493 0.49 -14.70 1.06
CA GLU A 493 0.94 -15.54 0.01
C GLU A 493 1.00 -17.01 0.40
N GLN A 494 1.00 -17.31 1.69
CA GLN A 494 1.01 -18.66 2.18
C GLN A 494 -0.15 -19.50 1.67
N GLN A 495 -1.34 -18.95 1.70
CA GLN A 495 -2.52 -19.70 1.29
C GLN A 495 -2.46 -20.03 -0.20
N PHE A 496 -1.82 -19.19 -1.01
CA PHE A 496 -1.71 -19.50 -2.41
C PHE A 496 -0.63 -20.53 -2.72
N VAL A 497 0.42 -20.55 -1.93
CA VAL A 497 1.41 -21.58 -1.98
C VAL A 497 0.72 -22.93 -1.66
N ALA A 498 -0.20 -22.94 -0.70
CA ALA A 498 -0.90 -24.17 -0.43
C ALA A 498 -1.68 -24.67 -1.61
N GLU A 499 -2.44 -23.76 -2.24
CA GLU A 499 -3.25 -24.14 -3.39
C GLU A 499 -2.38 -24.74 -4.49
N ALA A 500 -1.26 -24.11 -4.75
CA ALA A 500 -0.35 -24.61 -5.75
C ALA A 500 0.18 -26.00 -5.40
N LEU A 501 0.50 -26.24 -4.14
CA LEU A 501 0.90 -27.58 -3.69
C LEU A 501 -0.22 -28.57 -3.91
N GLU A 502 -1.42 -28.23 -3.49
CA GLU A 502 -2.58 -29.12 -3.66
C GLU A 502 -2.84 -29.44 -5.12
N LYS A 503 -2.71 -28.47 -6.01
CA LYS A 503 -3.08 -28.69 -7.41
C LYS A 503 -1.95 -29.17 -8.28
N GLY A 504 -0.75 -29.33 -7.73
CA GLY A 504 0.39 -29.78 -8.50
C GLY A 504 1.03 -28.74 -9.42
N THR A 505 0.98 -27.48 -9.03
CA THR A 505 1.44 -26.43 -9.93
C THR A 505 2.57 -25.58 -9.40
N LEU A 506 3.29 -26.14 -8.45
CA LEU A 506 4.44 -25.49 -7.86
C LEU A 506 5.56 -25.16 -8.83
N PRO A 507 5.81 -26.03 -9.82
CA PRO A 507 6.84 -25.68 -10.80
C PRO A 507 6.51 -24.40 -11.59
N LEU A 508 5.26 -24.13 -11.88
CA LEU A 508 4.88 -22.87 -12.54
C LEU A 508 5.11 -21.68 -11.61
N LEU A 509 4.74 -21.85 -10.35
CA LEU A 509 4.94 -20.83 -9.37
C LEU A 509 6.42 -20.56 -9.15
N LYS A 510 7.24 -21.60 -9.10
CA LYS A 510 8.64 -21.38 -8.87
C LYS A 510 9.21 -20.59 -10.04
N ASP A 511 8.88 -21.02 -11.24
CA ASP A 511 9.33 -20.34 -12.44
C ASP A 511 8.87 -18.84 -12.47
N GLN A 512 7.63 -18.59 -12.11
CA GLN A 512 7.09 -17.24 -12.09
C GLN A 512 7.65 -16.36 -10.98
N VAL A 513 7.88 -16.93 -9.79
CA VAL A 513 8.52 -16.20 -8.73
C VAL A 513 9.90 -15.76 -9.19
N LYS A 514 10.65 -16.63 -9.82
CA LYS A 514 11.99 -16.25 -10.33
C LYS A 514 11.96 -15.10 -11.37
N SER A 515 11.04 -15.18 -12.31
CA SER A 515 10.89 -14.13 -13.29
C SER A 515 10.58 -12.76 -12.66
N VAL A 516 9.75 -12.76 -11.60
CA VAL A 516 9.35 -11.54 -10.90
C VAL A 516 10.49 -10.93 -10.10
N MET A 517 11.29 -11.74 -9.44
CA MET A 517 12.48 -11.20 -8.74
C MET A 517 13.22 -10.31 -9.71
N GLU A 518 13.23 -9.02 -9.40
CA GLU A 518 13.82 -8.06 -10.32
C GLU A 518 15.23 -8.54 -10.60
N GLN A 519 15.95 -8.81 -9.53
CA GLN A 519 17.36 -9.14 -9.66
C GLN A 519 17.57 -10.63 -9.97
N ASN A 520 18.78 -10.93 -10.44
CA ASN A 520 19.21 -12.31 -10.67
C ASN A 520 19.41 -12.97 -9.32
N TRP A 521 19.14 -14.27 -9.25
CA TRP A 521 19.25 -14.98 -7.99
C TRP A 521 20.70 -15.39 -7.63
N ASP A 534 16.20 -4.12 0.52
CA ASP A 534 15.00 -4.10 -0.30
C ASP A 534 13.97 -4.97 0.47
N PRO A 535 12.88 -4.38 0.95
CA PRO A 535 11.78 -5.18 1.50
C PRO A 535 11.11 -6.14 0.52
N GLU A 536 10.84 -5.67 -0.71
CA GLU A 536 10.29 -6.53 -1.78
C GLU A 536 11.20 -7.77 -1.96
N ALA A 537 12.51 -7.55 -1.95
CA ALA A 537 13.48 -8.62 -2.08
C ALA A 537 13.49 -9.65 -0.95
N ARG A 538 13.34 -9.22 0.28
CA ARG A 538 13.29 -10.14 1.39
C ARG A 538 12.11 -11.09 1.28
N ILE A 539 10.94 -10.56 0.98
CA ILE A 539 9.71 -11.34 0.90
C ILE A 539 9.70 -12.29 -0.28
N LEU A 540 10.13 -11.84 -1.44
CA LEU A 540 10.19 -12.74 -2.58
C LEU A 540 11.29 -13.81 -2.40
N CYS A 541 12.38 -13.48 -1.73
CA CYS A 541 13.40 -14.48 -1.45
C CYS A 541 12.83 -15.58 -0.60
N ALA A 542 12.15 -15.18 0.45
CA ALA A 542 11.47 -16.11 1.31
C ALA A 542 10.43 -16.93 0.53
N LEU A 543 9.67 -16.29 -0.30
CA LEU A 543 8.69 -17.00 -1.09
C LEU A 543 9.33 -18.04 -2.05
N TYR A 544 10.44 -17.67 -2.64
CA TYR A 544 11.21 -18.56 -3.49
C TYR A 544 11.79 -19.77 -2.71
N VAL A 545 12.30 -19.53 -1.49
CA VAL A 545 12.75 -20.57 -0.64
C VAL A 545 11.67 -21.55 -0.30
N VAL A 546 10.54 -21.05 0.17
CA VAL A 546 9.45 -21.88 0.56
C VAL A 546 8.92 -22.73 -0.60
N VAL A 547 8.77 -22.13 -1.76
CA VAL A 547 8.24 -22.80 -2.91
C VAL A 547 9.24 -23.84 -3.43
N SER A 548 10.50 -23.47 -3.50
CA SER A 548 11.55 -24.37 -3.92
C SER A 548 11.67 -25.64 -3.05
N ILE A 549 11.63 -25.44 -1.73
CA ILE A 549 11.63 -26.57 -0.78
C ILE A 549 10.40 -27.44 -0.92
N LEU A 550 9.22 -26.85 -0.98
CA LEU A 550 8.03 -27.66 -1.12
C LEU A 550 8.06 -28.44 -2.43
N LEU A 551 8.56 -27.82 -3.50
CA LEU A 551 8.59 -28.51 -4.80
C LEU A 551 9.57 -29.69 -4.80
N GLU A 552 10.74 -29.51 -4.20
CA GLU A 552 11.70 -30.60 -4.08
C GLU A 552 11.14 -31.79 -3.31
N LEU A 553 10.32 -31.51 -2.29
CA LEU A 553 9.66 -32.55 -1.53
C LEU A 553 8.52 -33.24 -2.27
N ALA A 554 7.68 -32.45 -2.89
CA ALA A 554 6.55 -32.93 -3.64
C ALA A 554 6.90 -33.69 -4.91
N GLU A 555 7.96 -33.30 -5.60
CA GLU A 555 8.22 -33.84 -6.94
C GLU A 555 9.59 -34.46 -7.09
N GLY A 556 10.40 -34.34 -6.07
CA GLY A 556 11.63 -35.06 -6.00
C GLY A 556 12.74 -34.12 -6.39
N PRO A 557 14.00 -34.55 -6.18
CA PRO A 557 15.18 -33.79 -6.59
C PRO A 557 15.42 -33.83 -8.10
N GLU B 3 19.73 25.75 10.33
CA GLU B 3 19.87 25.52 11.82
C GLU B 3 21.05 24.58 12.08
N GLU B 4 22.07 24.71 11.22
CA GLU B 4 23.15 23.75 11.07
C GLU B 4 24.07 23.80 12.28
N GLY B 5 24.82 22.73 12.47
CA GLY B 5 25.81 22.64 13.54
C GLY B 5 25.26 22.58 14.95
N LYS B 6 23.92 22.55 15.11
CA LYS B 6 23.32 22.33 16.42
C LYS B 6 22.11 21.41 16.34
N LEU B 7 21.82 20.76 17.46
CA LEU B 7 20.76 19.78 17.54
C LEU B 7 19.62 20.33 18.36
N VAL B 8 18.41 20.29 17.79
CA VAL B 8 17.20 20.67 18.51
C VAL B 8 16.29 19.45 18.68
N ILE B 9 15.83 19.23 19.90
CA ILE B 9 15.19 17.97 20.26
C ILE B 9 13.87 18.18 20.99
N TRP B 10 12.80 17.55 20.49
CA TRP B 10 11.47 17.70 21.03
C TRP B 10 11.00 16.39 21.58
N ILE B 11 10.47 16.42 22.79
CA ILE B 11 9.99 15.22 23.44
C ILE B 11 8.87 15.61 24.37
N ASN B 12 8.01 14.69 24.70
CA ASN B 12 6.85 15.02 25.49
C ASN B 12 7.16 15.42 26.93
N GLY B 13 6.22 16.19 27.48
CA GLY B 13 6.29 16.73 28.83
C GLY B 13 6.27 15.72 29.95
N ASP B 14 5.65 14.56 29.71
CA ASP B 14 5.62 13.50 30.77
C ASP B 14 6.86 12.60 30.77
N LYS B 15 7.86 12.98 29.99
CA LYS B 15 9.04 12.20 29.82
C LYS B 15 10.19 13.02 30.39
N GLY B 16 11.30 12.35 30.65
CA GLY B 16 12.42 12.93 31.36
C GLY B 16 13.25 13.79 30.45
N TYR B 17 12.71 14.96 30.13
CA TYR B 17 13.43 15.94 29.31
C TYR B 17 14.71 16.41 30.00
N ASN B 18 14.68 16.62 31.31
CA ASN B 18 15.89 17.04 32.05
C ASN B 18 17.00 16.02 31.95
N GLY B 19 16.62 14.76 32.17
CA GLY B 19 17.53 13.63 32.10
C GLY B 19 18.12 13.62 30.70
N LEU B 20 17.26 13.87 29.72
CA LEU B 20 17.71 13.97 28.34
C LEU B 20 18.62 15.16 28.10
N ALA B 21 18.31 16.27 28.73
CA ALA B 21 19.11 17.50 28.59
C ALA B 21 20.56 17.24 28.97
N GLU B 22 20.74 16.43 30.01
CA GLU B 22 22.05 16.04 30.50
C GLU B 22 22.92 15.45 29.41
N VAL B 23 22.34 14.47 28.69
CA VAL B 23 23.01 13.78 27.60
C VAL B 23 23.45 14.80 26.54
N GLY B 24 22.56 15.77 26.26
CA GLY B 24 22.85 16.85 25.33
C GLY B 24 23.97 17.75 25.82
N LYS B 25 23.90 18.10 27.11
CA LYS B 25 24.95 18.89 27.77
C LYS B 25 26.31 18.21 27.71
N LYS B 26 26.35 16.90 28.01
CA LYS B 26 27.60 16.12 27.89
C LYS B 26 28.07 16.17 26.45
N PHE B 27 27.12 16.01 25.54
CA PHE B 27 27.40 15.93 24.12
C PHE B 27 28.14 17.17 23.62
N GLU B 28 27.84 18.37 24.13
CA GLU B 28 28.60 19.59 23.76
C GLU B 28 30.05 19.59 24.22
N LYS B 29 30.35 18.89 25.32
CA LYS B 29 31.68 18.94 25.95
C LYS B 29 32.62 17.99 25.21
N ASP B 30 32.11 16.79 24.90
CA ASP B 30 32.81 15.82 24.07
C ASP B 30 32.84 16.25 22.60
N THR B 31 31.92 17.15 22.23
CA THR B 31 31.68 17.50 20.84
C THR B 31 31.78 18.98 20.47
N GLY B 32 31.60 19.86 21.45
CA GLY B 32 31.25 21.27 21.17
C GLY B 32 30.01 21.45 20.29
N ILE B 33 29.09 20.48 20.33
CA ILE B 33 27.81 20.54 19.61
C ILE B 33 26.75 21.01 20.63
N LYS B 34 26.08 22.12 20.31
CA LYS B 34 25.03 22.67 21.14
C LYS B 34 23.80 21.78 21.11
N VAL B 35 23.17 21.57 22.26
CA VAL B 35 21.98 20.71 22.33
C VAL B 35 20.82 21.31 23.10
N THR B 36 19.75 21.60 22.36
CA THR B 36 18.55 22.19 22.91
C THR B 36 17.45 21.13 23.01
N VAL B 37 16.89 21.01 24.20
CA VAL B 37 15.78 20.12 24.47
C VAL B 37 14.58 20.97 24.79
N GLU B 38 13.44 20.60 24.21
CA GLU B 38 12.18 21.31 24.37
C GLU B 38 11.05 20.31 24.56
N HIS B 39 9.93 20.75 25.11
CA HIS B 39 8.76 19.85 25.28
C HIS B 39 7.44 20.50 24.90
N PRO B 40 7.26 20.78 23.60
CA PRO B 40 6.04 21.42 23.17
C PRO B 40 4.77 20.63 23.53
N ASP B 41 3.69 21.35 23.82
CA ASP B 41 2.40 20.70 24.10
C ASP B 41 1.78 20.34 22.77
N LYS B 42 0.92 19.33 22.79
CA LYS B 42 0.28 18.88 21.55
C LYS B 42 1.40 18.65 20.52
N LEU B 43 2.43 17.94 20.96
CA LEU B 43 3.68 17.78 20.22
C LEU B 43 3.57 16.90 19.00
N GLU B 44 2.77 15.84 19.12
CA GLU B 44 2.54 14.87 18.04
C GLU B 44 1.86 15.47 16.84
N GLU B 45 1.17 16.59 17.02
CA GLU B 45 0.51 17.31 15.92
C GLU B 45 1.19 18.64 15.62
N LYS B 46 1.93 19.16 16.59
CA LYS B 46 2.80 20.30 16.33
C LYS B 46 3.88 19.92 15.34
N PHE B 47 4.45 18.71 15.51
CA PHE B 47 5.57 18.26 14.69
C PHE B 47 5.28 18.18 13.19
N PRO B 48 4.22 17.47 12.79
CA PRO B 48 3.92 17.39 11.37
C PRO B 48 3.68 18.78 10.78
N GLN B 49 2.92 19.61 11.49
CA GLN B 49 2.58 20.94 11.00
C GLN B 49 3.85 21.76 10.77
N VAL B 50 4.77 21.74 11.75
CA VAL B 50 6.06 22.45 11.61
C VAL B 50 7.05 21.81 10.62
N ALA B 51 7.14 20.48 10.61
CA ALA B 51 8.09 19.76 9.73
C ALA B 51 7.80 19.86 8.22
N ALA B 52 6.52 20.03 7.86
CA ALA B 52 6.13 20.11 6.46
C ALA B 52 6.68 21.35 5.81
N THR B 53 6.67 22.46 6.57
CA THR B 53 7.15 23.75 6.07
C THR B 53 8.68 23.73 5.94
N GLY B 54 9.32 22.67 6.44
CA GLY B 54 10.77 22.53 6.48
C GLY B 54 11.33 23.08 7.79
N ASP B 55 10.43 23.55 8.66
CA ASP B 55 10.78 23.95 10.02
C ASP B 55 10.78 22.75 10.95
N GLY B 56 11.21 22.97 12.18
CA GLY B 56 11.06 21.98 13.25
C GLY B 56 12.34 21.41 13.82
N PRO B 57 12.20 20.57 14.86
CA PRO B 57 13.36 20.01 15.56
C PRO B 57 14.13 19.10 14.66
N ASP B 58 15.37 18.83 15.03
CA ASP B 58 16.17 17.82 14.32
C ASP B 58 15.65 16.43 14.61
N ILE B 59 15.38 16.20 15.88
CA ILE B 59 15.00 14.91 16.38
C ILE B 59 13.66 15.04 17.09
N ILE B 60 12.80 14.04 16.89
CA ILE B 60 11.45 14.05 17.48
C ILE B 60 11.13 12.74 18.18
N PHE B 61 10.67 12.83 19.43
CA PHE B 61 10.45 11.63 20.25
C PHE B 61 8.99 11.43 20.51
N TRP B 62 8.49 10.23 20.20
CA TRP B 62 7.11 9.84 20.49
C TRP B 62 6.99 8.35 20.44
N ALA B 63 5.86 7.82 20.87
CA ALA B 63 5.57 6.43 20.59
C ALA B 63 5.63 6.17 19.07
N HIS B 64 6.01 4.95 18.73
CA HIS B 64 6.11 4.54 17.33
C HIS B 64 4.84 4.75 16.47
N ASP B 65 3.65 4.61 17.07
CA ASP B 65 2.39 4.62 16.34
C ASP B 65 2.22 5.81 15.45
N ARG B 66 2.79 6.95 15.81
CA ARG B 66 2.69 8.10 14.95
C ARG B 66 3.70 8.09 13.77
N PHE B 67 4.69 7.20 13.79
CA PHE B 67 5.82 7.37 12.85
C PHE B 67 5.54 7.06 11.38
N GLY B 68 4.71 6.06 11.12
CA GLY B 68 4.35 5.73 9.76
C GLY B 68 3.60 6.85 9.07
N GLY B 69 2.76 7.55 9.83
CA GLY B 69 2.10 8.72 9.29
C GLY B 69 3.08 9.80 8.96
N TYR B 70 4.08 10.00 9.82
CA TYR B 70 5.14 10.95 9.52
C TYR B 70 6.00 10.56 8.33
N ALA B 71 6.31 9.25 8.21
CA ALA B 71 7.08 8.73 7.06
C ALA B 71 6.35 8.80 5.74
N GLN B 72 5.05 8.52 5.73
CA GLN B 72 4.27 8.58 4.49
C GLN B 72 4.23 10.00 3.95
N SER B 73 4.26 10.97 4.87
CA SER B 73 4.31 12.40 4.53
C SER B 73 5.75 12.88 4.26
N GLY B 74 6.70 11.95 4.21
CA GLY B 74 8.07 12.22 3.87
C GLY B 74 8.75 13.17 4.81
N LEU B 75 8.43 13.06 6.09
CA LEU B 75 9.00 13.92 7.10
C LEU B 75 10.12 13.29 7.88
N LEU B 76 10.49 12.06 7.57
CA LEU B 76 11.53 11.41 8.36
C LEU B 76 12.58 10.81 7.49
N ALA B 77 13.82 11.08 7.87
CA ALA B 77 15.01 10.59 7.18
C ALA B 77 15.19 9.15 7.48
N GLU B 78 15.54 8.36 6.47
CA GLU B 78 15.71 6.92 6.66
C GLU B 78 16.94 6.70 7.53
N ILE B 79 16.91 5.65 8.34
CA ILE B 79 18.03 5.43 9.23
C ILE B 79 18.75 4.15 8.86
N THR B 80 20.08 4.24 8.98
CA THR B 80 21.01 3.18 8.57
C THR B 80 21.97 2.93 9.71
N PRO B 81 21.50 2.18 10.71
CA PRO B 81 22.36 1.62 11.72
C PRO B 81 23.17 0.46 11.15
N ALA B 82 24.36 0.24 11.71
CA ALA B 82 25.18 -0.90 11.32
C ALA B 82 24.69 -2.11 12.07
N ALA B 83 25.01 -3.29 11.54
CA ALA B 83 24.56 -4.57 12.13
C ALA B 83 25.03 -4.70 13.57
N ALA B 84 26.23 -4.19 13.81
CA ALA B 84 26.83 -4.20 15.14
C ALA B 84 25.92 -3.49 16.12
N PHE B 85 25.39 -2.34 15.71
CA PHE B 85 24.46 -1.59 16.53
C PHE B 85 23.09 -2.21 16.71
N GLN B 86 22.49 -2.65 15.61
CA GLN B 86 21.16 -3.23 15.68
C GLN B 86 21.14 -4.41 16.68
N ASP B 87 22.28 -5.09 16.82
CA ASP B 87 22.40 -6.21 17.76
C ASP B 87 22.30 -5.83 19.24
N LYS B 88 22.69 -4.59 19.54
CA LYS B 88 22.54 -4.00 20.88
C LYS B 88 21.06 -3.93 21.34
N LEU B 89 20.16 -3.65 20.40
CA LEU B 89 18.77 -3.39 20.65
C LEU B 89 17.94 -4.65 20.46
N TYR B 90 16.85 -4.79 21.21
CA TYR B 90 15.99 -5.97 21.06
C TYR B 90 15.30 -5.98 19.68
N PRO B 91 15.26 -7.16 19.03
CA PRO B 91 14.64 -7.26 17.70
C PRO B 91 13.18 -6.75 17.62
N PHE B 92 12.37 -7.07 18.61
CA PHE B 92 10.97 -6.64 18.54
C PHE B 92 10.84 -5.10 18.60
N THR B 93 11.81 -4.42 19.23
CA THR B 93 11.79 -2.96 19.16
C THR B 93 12.16 -2.41 17.79
N TRP B 94 13.01 -3.10 17.06
CA TRP B 94 13.29 -2.67 15.67
C TRP B 94 12.05 -2.82 14.77
N ASP B 95 11.27 -3.85 15.02
CA ASP B 95 10.04 -4.06 14.29
C ASP B 95 9.08 -2.93 14.47
N ALA B 96 9.07 -2.36 15.67
CA ALA B 96 8.16 -1.26 15.95
C ALA B 96 8.44 -0.06 15.07
N VAL B 97 9.71 0.17 14.74
CA VAL B 97 10.08 1.33 13.98
C VAL B 97 10.32 1.00 12.53
N ARG B 98 9.85 -0.17 12.07
CA ARG B 98 9.99 -0.54 10.67
C ARG B 98 8.70 -0.32 9.95
N TYR B 99 8.73 0.56 8.97
CA TYR B 99 7.57 0.90 8.19
C TYR B 99 7.84 0.64 6.74
N ASN B 100 7.03 -0.18 6.10
CA ASN B 100 7.30 -0.60 4.70
C ASN B 100 8.68 -1.22 4.51
N GLY B 101 9.09 -2.04 5.47
CA GLY B 101 10.37 -2.73 5.42
C GLY B 101 11.60 -1.89 5.78
N LYS B 102 11.45 -0.57 5.84
CA LYS B 102 12.54 0.33 6.17
C LYS B 102 12.44 0.86 7.62
N LEU B 103 13.58 0.95 8.29
CA LEU B 103 13.67 1.54 9.61
C LEU B 103 13.52 3.03 9.50
N ILE B 104 12.61 3.62 10.28
CA ILE B 104 12.44 5.08 10.24
C ILE B 104 12.71 5.79 11.54
N ALA B 105 13.19 5.10 12.56
CA ALA B 105 13.44 5.72 13.85
C ALA B 105 14.30 4.80 14.68
N TYR B 106 14.79 5.31 15.81
CA TYR B 106 15.55 4.47 16.77
C TYR B 106 14.65 4.15 17.92
N PRO B 107 14.44 2.85 18.20
CA PRO B 107 13.64 2.50 19.35
C PRO B 107 14.36 2.90 20.63
N ILE B 108 13.61 3.32 21.65
CA ILE B 108 14.19 3.72 22.95
C ILE B 108 13.69 2.86 24.08
N ALA B 109 12.36 2.83 24.28
CA ALA B 109 11.78 2.03 25.39
C ALA B 109 10.39 1.57 25.12
N VAL B 110 10.03 0.51 25.80
CA VAL B 110 8.70 -0.03 25.73
C VAL B 110 7.86 0.42 26.93
N GLU B 111 6.81 1.14 26.65
CA GLU B 111 5.95 1.65 27.69
C GLU B 111 4.56 1.06 27.57
N ALA B 112 4.10 0.47 28.66
CA ALA B 112 2.77 -0.08 28.74
C ALA B 112 2.08 0.46 29.99
N LEU B 113 0.78 0.69 29.92
CA LEU B 113 0.04 1.16 31.08
C LEU B 113 -0.04 0.05 32.11
N SER B 114 -0.06 0.46 33.37
CA SER B 114 -0.20 -0.47 34.48
C SER B 114 -1.25 0.07 35.47
N LEU B 115 -1.81 -0.85 36.26
CA LEU B 115 -2.53 -0.47 37.46
C LEU B 115 -1.59 -0.06 38.62
N ILE B 116 -1.69 1.18 39.06
CA ILE B 116 -0.85 1.69 40.12
C ILE B 116 -1.73 2.02 41.34
N TYR B 117 -1.36 1.49 42.49
CA TYR B 117 -2.23 1.54 43.67
C TYR B 117 -1.53 1.95 44.96
N ASN B 118 -2.33 2.39 45.92
CA ASN B 118 -1.85 2.77 47.25
C ASN B 118 -2.01 1.57 48.18
N LYS B 119 -0.87 1.07 48.66
CA LYS B 119 -0.86 -0.16 49.46
C LYS B 119 -1.51 0.05 50.82
N ASP B 120 -1.33 1.26 51.38
CA ASP B 120 -1.97 1.58 52.64
C ASP B 120 -3.50 1.46 52.51
N LEU B 121 -4.05 2.20 51.54
CA LEU B 121 -5.52 2.27 51.31
C LEU B 121 -6.06 0.98 50.72
N LEU B 122 -5.39 0.48 49.70
CA LEU B 122 -5.78 -0.77 49.03
C LEU B 122 -4.63 -1.78 49.09
N PRO B 123 -4.40 -2.38 50.28
CA PRO B 123 -3.33 -3.38 50.48
C PRO B 123 -3.37 -4.63 49.57
N ASN B 124 -4.56 -5.11 49.21
CA ASN B 124 -4.68 -6.17 48.18
C ASN B 124 -5.59 -5.74 47.00
N PRO B 125 -5.01 -5.07 45.95
CA PRO B 125 -5.80 -4.53 44.84
C PRO B 125 -6.64 -5.57 44.08
N PRO B 126 -7.75 -5.12 43.48
CA PRO B 126 -8.72 -6.01 42.88
C PRO B 126 -8.29 -6.62 41.55
N LYS B 127 -8.67 -7.88 41.38
CA LYS B 127 -8.39 -8.64 40.17
C LYS B 127 -9.36 -8.35 39.03
N THR B 128 -10.44 -7.60 39.28
CA THR B 128 -11.43 -7.27 38.26
C THR B 128 -11.83 -5.79 38.30
N TRP B 129 -12.34 -5.35 37.14
CA TRP B 129 -13.05 -4.07 36.99
C TRP B 129 -14.39 -4.11 37.73
N GLU B 130 -14.99 -5.29 37.74
CA GLU B 130 -16.31 -5.56 38.33
C GLU B 130 -16.39 -5.15 39.80
N GLU B 131 -15.32 -5.41 40.52
CA GLU B 131 -15.17 -5.06 41.91
C GLU B 131 -15.09 -3.57 42.18
N ILE B 132 -14.66 -2.79 41.21
CA ILE B 132 -14.33 -1.39 41.47
C ILE B 132 -15.52 -0.51 41.96
N PRO B 133 -16.76 -0.84 41.56
CA PRO B 133 -17.91 -0.09 42.12
C PRO B 133 -18.05 -0.19 43.67
N ALA B 134 -18.05 -1.42 44.19
CA ALA B 134 -18.13 -1.70 45.64
C ALA B 134 -17.02 -1.05 46.46
N LEU B 135 -15.79 -1.14 45.97
CA LEU B 135 -14.64 -0.53 46.63
C LEU B 135 -14.78 0.99 46.69
N ASP B 136 -15.43 1.60 45.69
CA ASP B 136 -15.56 3.06 45.65
C ASP B 136 -16.49 3.60 46.75
N LYS B 137 -17.62 2.91 46.95
CA LYS B 137 -18.54 3.28 48.01
C LYS B 137 -17.77 3.16 49.30
N GLU B 138 -17.17 1.98 49.47
CA GLU B 138 -16.43 1.63 50.69
C GLU B 138 -15.33 2.67 50.96
N LEU B 139 -14.64 3.08 49.91
CA LEU B 139 -13.62 4.12 50.03
C LEU B 139 -14.23 5.52 50.19
N LYS B 140 -15.50 5.65 49.78
CA LYS B 140 -16.26 6.88 49.98
C LYS B 140 -16.38 7.21 51.45
N ALA B 141 -16.66 6.21 52.28
CA ALA B 141 -16.88 6.40 53.72
C ALA B 141 -15.70 7.10 54.40
N LYS B 142 -14.49 6.75 53.95
CA LYS B 142 -13.28 7.40 54.41
C LYS B 142 -12.99 8.73 53.65
N GLY B 143 -13.96 9.20 52.86
CA GLY B 143 -13.78 10.35 51.98
C GLY B 143 -12.76 10.11 50.89
N LYS B 144 -12.85 8.92 50.27
CA LYS B 144 -11.84 8.45 49.33
C LYS B 144 -12.48 8.04 48.01
N SER B 145 -11.65 8.04 46.96
CA SER B 145 -12.03 7.51 45.62
C SER B 145 -11.23 6.26 45.33
N ALA B 146 -11.90 5.25 44.81
CA ALA B 146 -11.24 4.01 44.38
C ALA B 146 -10.35 4.08 43.13
N LEU B 147 -10.67 4.95 42.17
CA LEU B 147 -9.98 4.94 40.85
C LEU B 147 -10.02 6.29 40.15
N MET B 148 -8.86 6.83 39.83
CA MET B 148 -8.80 8.11 39.14
C MET B 148 -7.76 8.15 38.04
N PHE B 149 -8.22 8.32 36.80
CA PHE B 149 -7.32 8.42 35.68
C PHE B 149 -7.79 9.27 34.53
N ASN B 150 -6.83 9.66 33.69
CA ASN B 150 -7.11 10.51 32.53
C ASN B 150 -8.13 9.86 31.58
N LEU B 151 -9.28 10.53 31.46
CA LEU B 151 -10.34 10.07 30.61
C LEU B 151 -10.44 10.91 29.38
N GLN B 152 -9.58 11.92 29.26
CA GLN B 152 -9.55 12.78 28.08
C GLN B 152 -8.74 12.16 26.92
N GLU B 153 -7.93 11.13 27.20
CA GLU B 153 -7.06 10.52 26.22
C GLU B 153 -7.32 9.05 26.15
N PRO B 154 -7.66 8.54 24.94
CA PRO B 154 -8.12 7.16 24.81
C PRO B 154 -7.10 6.10 25.08
N TYR B 155 -5.85 6.49 25.17
CA TYR B 155 -4.81 5.54 25.49
C TYR B 155 -5.16 4.91 26.82
N PHE B 156 -5.53 5.78 27.76
CA PHE B 156 -5.82 5.35 29.13
C PHE B 156 -7.09 4.59 29.18
N THR B 157 -8.05 4.96 28.34
CA THR B 157 -9.34 4.25 28.33
C THR B 157 -9.45 3.02 27.39
N TRP B 158 -8.57 2.94 26.39
CA TRP B 158 -8.57 1.84 25.38
C TRP B 158 -8.46 0.41 25.97
N PRO B 159 -7.66 0.23 27.03
CA PRO B 159 -7.40 -1.13 27.56
C PRO B 159 -8.64 -1.91 28.03
N LEU B 160 -9.58 -1.18 28.64
CA LEU B 160 -10.87 -1.74 29.03
C LEU B 160 -11.72 -2.06 27.84
N ILE B 161 -11.75 -1.11 26.89
CA ILE B 161 -12.54 -1.22 25.62
C ILE B 161 -12.03 -2.37 24.76
N ALA B 162 -10.75 -2.64 24.86
CA ALA B 162 -10.14 -3.68 24.07
C ALA B 162 -10.41 -5.03 24.65
N ALA B 163 -10.60 -5.08 25.97
CA ALA B 163 -10.57 -6.33 26.74
C ALA B 163 -11.56 -7.39 26.30
N ASP B 164 -12.82 -6.97 26.11
CA ASP B 164 -13.83 -7.93 25.71
C ASP B 164 -13.97 -8.12 24.18
N GLY B 165 -13.05 -7.50 23.40
CA GLY B 165 -13.02 -7.65 21.94
C GLY B 165 -12.86 -6.42 21.06
N GLY B 166 -12.67 -5.24 21.62
CA GLY B 166 -12.35 -4.09 20.79
C GLY B 166 -10.99 -4.23 20.12
N TYR B 167 -10.84 -3.57 18.96
CA TYR B 167 -9.55 -3.54 18.26
C TYR B 167 -9.51 -2.39 17.31
N ALA B 168 -8.31 -2.05 16.88
CA ALA B 168 -8.16 -0.94 15.94
C ALA B 168 -8.35 -1.46 14.50
N PHE B 169 -7.42 -2.26 13.98
CA PHE B 169 -7.51 -2.80 12.63
C PHE B 169 -7.22 -4.27 12.70
N LYS B 170 -8.10 -5.11 12.16
CA LYS B 170 -7.93 -6.57 12.34
C LYS B 170 -6.62 -7.03 11.74
N TYR B 171 -5.93 -7.93 12.40
CA TYR B 171 -4.65 -8.38 11.95
C TYR B 171 -4.74 -9.88 11.75
N ALA B 172 -4.87 -10.31 10.51
CA ALA B 172 -4.97 -11.74 10.21
C ALA B 172 -3.89 -12.08 9.24
N ALA B 173 -3.21 -13.20 9.50
CA ALA B 173 -2.29 -13.77 8.53
C ALA B 173 -1.20 -12.76 8.13
N GLY B 174 -0.68 -12.04 9.12
CA GLY B 174 0.48 -11.14 8.95
C GLY B 174 0.25 -9.75 8.34
N LYS B 175 -0.98 -9.40 8.03
CA LYS B 175 -1.27 -8.15 7.40
C LYS B 175 -2.40 -7.48 8.16
N TYR B 176 -2.21 -6.20 8.49
CA TYR B 176 -3.33 -5.39 8.95
C TYR B 176 -4.28 -5.15 7.80
N ASP B 177 -5.56 -5.07 8.15
CA ASP B 177 -6.65 -4.84 7.27
C ASP B 177 -7.27 -3.53 7.70
N ILE B 178 -7.05 -2.47 6.95
CA ILE B 178 -7.53 -1.15 7.31
C ILE B 178 -9.03 -1.06 7.12
N LYS B 179 -9.56 -2.02 6.37
CA LYS B 179 -10.98 -2.12 6.12
C LYS B 179 -11.76 -2.46 7.40
N ASP B 180 -11.18 -3.38 8.17
CA ASP B 180 -11.79 -4.00 9.32
C ASP B 180 -11.42 -3.25 10.59
N VAL B 181 -12.26 -2.32 10.97
CA VAL B 181 -12.07 -1.59 12.21
C VAL B 181 -13.01 -2.17 13.27
N GLY B 182 -12.54 -2.24 14.51
CA GLY B 182 -13.20 -3.01 15.57
C GLY B 182 -13.73 -2.24 16.75
N VAL B 183 -14.00 -0.95 16.56
CA VAL B 183 -14.40 -0.12 17.70
C VAL B 183 -15.90 -0.08 18.07
N ASP B 184 -16.72 -0.82 17.36
CA ASP B 184 -18.15 -0.77 17.57
C ASP B 184 -18.77 -2.16 17.56
N ASN B 185 -17.97 -3.17 17.95
CA ASN B 185 -18.48 -4.51 18.28
C ASN B 185 -18.96 -4.61 19.77
N ALA B 186 -19.55 -5.76 20.12
CA ALA B 186 -20.06 -5.96 21.49
C ALA B 186 -18.99 -5.77 22.57
N GLY B 187 -17.80 -6.30 22.28
CA GLY B 187 -16.65 -6.19 23.16
C GLY B 187 -16.31 -4.76 23.47
N ALA B 188 -16.27 -3.94 22.44
CA ALA B 188 -15.95 -2.53 22.63
C ALA B 188 -17.06 -1.78 23.34
N LYS B 189 -18.31 -2.15 23.00
CA LYS B 189 -19.52 -1.57 23.62
C LYS B 189 -19.61 -1.86 25.13
N ALA B 190 -19.42 -3.14 25.45
CA ALA B 190 -19.34 -3.53 26.83
C ALA B 190 -18.37 -2.64 27.61
N GLY B 191 -17.12 -2.61 27.20
CA GLY B 191 -16.11 -1.86 27.92
C GLY B 191 -16.39 -0.38 28.06
N LEU B 192 -16.94 0.24 27.00
CA LEU B 192 -17.30 1.66 27.09
C LEU B 192 -18.58 1.87 27.91
N THR B 193 -19.52 0.95 27.82
CA THR B 193 -20.72 1.04 28.65
C THR B 193 -20.27 1.08 30.10
N PHE B 194 -19.36 0.16 30.42
CA PHE B 194 -18.89 0.03 31.77
C PHE B 194 -18.24 1.30 32.24
N LEU B 195 -17.37 1.88 31.44
CA LEU B 195 -16.76 3.10 31.85
C LEU B 195 -17.83 4.18 32.07
N VAL B 196 -18.86 4.21 31.22
CA VAL B 196 -19.89 5.23 31.32
C VAL B 196 -20.64 5.13 32.65
N ASP B 197 -21.04 3.90 33.01
CA ASP B 197 -21.70 3.66 34.30
C ASP B 197 -20.94 4.24 35.47
N LEU B 198 -19.64 4.03 35.50
CA LEU B 198 -18.83 4.57 36.58
C LEU B 198 -18.96 6.06 36.71
N ILE B 199 -19.04 6.78 35.59
CA ILE B 199 -19.23 8.24 35.64
C ILE B 199 -20.68 8.57 36.06
N LYS B 200 -21.62 7.80 35.54
CA LYS B 200 -23.05 7.94 35.79
C LYS B 200 -23.45 7.61 37.25
N ASN B 201 -22.64 6.76 37.89
CA ASN B 201 -22.73 6.40 39.31
C ASN B 201 -21.74 7.14 40.22
N LYS B 202 -21.08 8.16 39.68
CA LYS B 202 -20.25 9.10 40.47
C LYS B 202 -18.89 8.54 40.99
N HIS B 203 -18.61 7.28 40.66
CA HIS B 203 -17.32 6.63 40.86
C HIS B 203 -16.18 7.25 40.09
N MET B 204 -16.50 7.94 38.99
CA MET B 204 -15.55 8.77 38.24
C MET B 204 -16.24 10.01 37.72
N ASN B 205 -15.46 11.07 37.55
CA ASN B 205 -15.95 12.31 36.94
C ASN B 205 -15.45 12.35 35.48
N ALA B 206 -16.36 12.67 34.56
CA ALA B 206 -16.03 12.71 33.14
C ALA B 206 -14.98 13.76 32.73
N ASP B 207 -14.77 14.80 33.53
CA ASP B 207 -13.79 15.82 33.15
C ASP B 207 -12.42 15.63 33.76
N THR B 208 -12.24 14.50 34.50
CA THR B 208 -10.92 14.17 35.05
C THR B 208 -9.85 14.01 33.92
N ASP B 209 -8.79 14.81 34.03
CA ASP B 209 -7.69 14.83 33.08
C ASP B 209 -6.36 14.30 33.68
N TYR B 210 -5.24 14.57 33.00
CA TYR B 210 -3.99 14.00 33.44
C TYR B 210 -3.58 14.54 34.82
N SER B 211 -3.49 15.87 34.95
CA SER B 211 -3.09 16.51 36.23
C SER B 211 -3.95 16.08 37.38
N ILE B 212 -5.25 16.16 37.19
CA ILE B 212 -6.20 15.91 38.24
C ILE B 212 -5.97 14.55 38.89
N ALA B 213 -5.87 13.50 38.09
CA ALA B 213 -5.60 12.17 38.64
C ALA B 213 -4.16 12.00 39.24
N GLU B 214 -3.19 12.72 38.67
CA GLU B 214 -1.83 12.66 39.20
C GLU B 214 -1.78 13.23 40.62
N ALA B 215 -2.22 14.49 40.76
CA ALA B 215 -2.34 15.14 42.08
C ALA B 215 -3.23 14.33 43.04
N ALA B 216 -4.35 13.81 42.53
CA ALA B 216 -5.24 13.01 43.36
C ALA B 216 -4.61 11.74 43.92
N PHE B 217 -3.85 11.01 43.11
CA PHE B 217 -3.15 9.81 43.60
C PHE B 217 -2.01 10.18 44.56
N ASN B 218 -1.26 11.18 44.12
CA ASN B 218 -0.13 11.73 44.85
C ASN B 218 -0.50 12.31 46.23
N LYS B 219 -1.68 12.91 46.34
CA LYS B 219 -2.17 13.45 47.62
C LYS B 219 -2.89 12.40 48.48
N GLY B 220 -2.98 11.17 48.02
CA GLY B 220 -3.55 10.10 48.82
C GLY B 220 -5.05 10.03 48.71
N GLU B 221 -5.64 10.96 47.94
CA GLU B 221 -7.11 11.11 47.75
C GLU B 221 -7.80 9.91 47.06
N THR B 222 -7.07 9.18 46.23
CA THR B 222 -7.62 8.00 45.60
C THR B 222 -6.70 6.80 45.80
N ALA B 223 -7.31 5.62 45.80
CA ALA B 223 -6.61 4.36 45.91
C ALA B 223 -5.76 4.00 44.67
N MET B 224 -6.33 4.19 43.47
CA MET B 224 -5.74 3.69 42.23
C MET B 224 -5.74 4.69 41.11
N THR B 225 -4.74 4.60 40.25
CA THR B 225 -4.70 5.38 39.00
C THR B 225 -4.33 4.36 37.93
N ILE B 226 -4.44 4.75 36.67
CA ILE B 226 -3.90 3.96 35.55
C ILE B 226 -2.92 4.86 34.85
N ASN B 227 -1.67 4.41 34.78
CA ASN B 227 -0.64 5.23 34.17
C ASN B 227 0.60 4.37 33.83
N GLY B 228 1.56 5.01 33.17
CA GLY B 228 2.74 4.38 32.65
C GLY B 228 3.98 4.70 33.48
N PRO B 229 5.12 4.04 33.16
CA PRO B 229 6.41 4.18 33.85
C PRO B 229 6.93 5.59 34.14
N TRP B 230 6.65 6.52 33.24
CA TRP B 230 7.03 7.93 33.42
C TRP B 230 6.43 8.55 34.67
N ALA B 231 5.25 8.05 35.07
CA ALA B 231 4.47 8.59 36.19
C ALA B 231 5.24 8.50 37.49
N TRP B 232 5.88 7.34 37.66
CA TRP B 232 6.38 6.82 38.93
C TRP B 232 7.27 7.81 39.68
N SER B 233 8.10 8.53 38.95
CA SER B 233 9.12 9.39 39.53
C SER B 233 8.49 10.36 40.50
N ASN B 234 7.41 10.98 40.07
CA ASN B 234 6.66 11.93 40.90
C ASN B 234 5.88 11.32 42.05
N ILE B 235 5.41 10.09 41.87
CA ILE B 235 4.85 9.32 42.98
C ILE B 235 5.96 8.95 43.99
N ASP B 236 7.22 8.98 43.56
CA ASP B 236 8.36 8.79 44.49
C ASP B 236 8.53 9.95 45.45
N THR B 237 8.55 11.18 44.92
CA THR B 237 8.70 12.38 45.74
C THR B 237 7.54 12.51 46.76
N SER B 238 6.39 11.93 46.43
CA SER B 238 5.21 11.94 47.29
C SER B 238 5.29 11.09 48.57
N ALA B 239 4.32 11.37 49.45
CA ALA B 239 4.12 10.62 50.68
C ALA B 239 3.76 9.15 50.43
N VAL B 240 3.15 8.88 49.29
CA VAL B 240 2.49 7.59 49.04
C VAL B 240 3.47 6.42 48.92
N ASN B 241 3.00 5.26 49.37
CA ASN B 241 3.65 4.00 49.17
C ASN B 241 2.75 3.30 48.20
N TYR B 242 3.30 2.97 47.02
CA TYR B 242 2.53 2.45 45.88
C TYR B 242 3.08 1.16 45.32
N GLY B 243 2.18 0.31 44.86
CA GLY B 243 2.53 -0.89 44.08
C GLY B 243 2.28 -0.61 42.60
N VAL B 244 2.76 -1.52 41.74
CA VAL B 244 2.52 -1.45 40.31
C VAL B 244 2.21 -2.86 39.92
N THR B 245 1.14 -3.04 39.17
CA THR B 245 0.67 -4.39 38.94
C THR B 245 -0.19 -4.55 37.66
N VAL B 246 -0.67 -5.76 37.41
CA VAL B 246 -1.47 -6.01 36.24
C VAL B 246 -2.80 -5.28 36.31
N LEU B 247 -3.32 -4.95 35.15
CA LEU B 247 -4.59 -4.27 35.08
C LEU B 247 -5.71 -5.27 35.41
N PRO B 248 -6.84 -4.75 35.85
CA PRO B 248 -7.92 -5.64 36.24
C PRO B 248 -8.53 -6.29 35.02
N THR B 249 -9.07 -7.47 35.16
CA THR B 249 -9.80 -8.09 34.08
C THR B 249 -11.19 -7.46 33.86
N PHE B 250 -11.77 -7.71 32.69
CA PHE B 250 -13.13 -7.36 32.38
C PHE B 250 -13.75 -8.55 31.71
N LYS B 251 -14.88 -8.99 32.22
CA LYS B 251 -15.55 -10.20 31.75
C LYS B 251 -14.60 -11.39 31.67
N GLY B 252 -13.69 -11.46 32.65
CA GLY B 252 -12.73 -12.56 32.73
C GLY B 252 -11.57 -12.47 31.75
N GLN B 253 -11.38 -11.29 31.17
CA GLN B 253 -10.42 -11.12 30.11
C GLN B 253 -9.48 -10.00 30.51
N PRO B 254 -8.19 -10.16 30.22
CA PRO B 254 -7.22 -9.13 30.59
C PRO B 254 -7.47 -7.80 29.91
N SER B 255 -7.19 -6.72 30.62
CA SER B 255 -7.15 -5.43 30.01
C SER B 255 -6.00 -5.49 29.02
N LYS B 256 -6.22 -4.97 27.81
CA LYS B 256 -5.25 -5.05 26.72
C LYS B 256 -4.82 -3.66 26.33
N PRO B 257 -3.85 -3.12 27.03
CA PRO B 257 -3.35 -1.79 26.68
C PRO B 257 -2.56 -1.79 25.35
N PHE B 258 -2.62 -0.67 24.65
CA PHE B 258 -1.90 -0.55 23.43
C PHE B 258 -0.52 -0.17 23.83
N VAL B 259 0.46 -0.95 23.39
CA VAL B 259 1.86 -0.76 23.76
C VAL B 259 2.59 0.18 22.80
N GLY B 260 3.27 1.16 23.37
CA GLY B 260 4.05 2.14 22.64
C GLY B 260 5.51 1.80 22.79
N VAL B 261 6.31 2.16 21.80
CA VAL B 261 7.74 2.05 21.87
C VAL B 261 8.14 3.46 21.63
N LEU B 262 8.60 4.14 22.68
CA LEU B 262 9.10 5.49 22.51
C LEU B 262 10.29 5.44 21.56
N SER B 263 10.34 6.36 20.63
CA SER B 263 11.25 6.24 19.51
C SER B 263 11.73 7.60 19.16
N ALA B 264 12.91 7.68 18.56
CA ALA B 264 13.46 8.95 18.10
C ALA B 264 13.70 8.92 16.60
N GLY B 265 13.18 9.92 15.92
CA GLY B 265 13.23 10.00 14.49
C GLY B 265 13.89 11.30 14.08
N ILE B 266 14.45 11.31 12.88
CA ILE B 266 15.22 12.42 12.41
C ILE B 266 14.41 13.13 11.36
N ASN B 267 14.51 14.44 11.36
CA ASN B 267 13.83 15.26 10.38
C ASN B 267 14.45 15.13 9.02
N ALA B 268 13.60 14.80 8.06
CA ALA B 268 14.00 14.53 6.68
C ALA B 268 14.72 15.71 6.03
N ALA B 269 14.69 16.84 6.73
CA ALA B 269 15.20 18.06 6.19
C ALA B 269 16.07 18.73 7.22
N SER B 270 16.71 17.94 8.06
CA SER B 270 17.63 18.47 9.03
C SER B 270 19.03 18.47 8.43
N PRO B 271 19.67 19.65 8.33
CA PRO B 271 21.05 19.66 7.88
C PRO B 271 21.98 18.75 8.71
N ASN B 272 21.64 18.49 9.97
CA ASN B 272 22.54 17.78 10.89
C ASN B 272 22.25 16.31 11.20
N LYS B 273 21.92 15.54 10.18
CA LYS B 273 21.60 14.12 10.38
C LYS B 273 22.71 13.38 11.09
N GLU B 274 23.85 13.30 10.43
CA GLU B 274 24.98 12.48 10.89
C GLU B 274 25.33 12.80 12.36
N LEU B 275 25.19 14.07 12.71
CA LEU B 275 25.35 14.49 14.12
C LEU B 275 24.26 13.85 14.99
N ALA B 276 23.06 13.75 14.43
CA ALA B 276 21.93 13.11 15.08
C ALA B 276 22.10 11.61 15.30
N LYS B 277 22.60 10.90 14.29
CA LYS B 277 22.89 9.46 14.44
C LYS B 277 23.87 9.30 15.56
N GLU B 278 24.92 10.10 15.52
CA GLU B 278 26.02 9.97 16.50
C GLU B 278 25.51 10.22 17.91
N PHE B 279 24.73 11.29 18.08
CA PHE B 279 24.14 11.57 19.37
C PHE B 279 23.24 10.43 19.85
N LEU B 280 22.42 9.89 18.95
CA LEU B 280 21.49 8.84 19.32
C LEU B 280 22.14 7.51 19.54
N GLU B 281 22.98 7.13 18.59
CA GLU B 281 23.60 5.81 18.60
C GLU B 281 24.66 5.81 19.65
N ASN B 282 25.51 6.82 19.65
CA ASN B 282 26.65 6.82 20.56
C ASN B 282 26.40 7.43 21.94
N TYR B 283 25.53 8.43 22.04
CA TYR B 283 25.33 9.10 23.34
C TYR B 283 24.05 8.73 24.06
N LEU B 284 22.92 8.78 23.36
CA LEU B 284 21.67 8.40 23.98
C LEU B 284 21.58 6.88 24.19
N LEU B 285 21.89 6.09 23.17
CA LEU B 285 21.62 4.65 23.28
C LEU B 285 22.78 3.82 23.84
N THR B 286 23.13 4.11 25.09
CA THR B 286 24.21 3.44 25.80
C THR B 286 23.70 3.35 27.21
N ASP B 287 24.38 2.61 28.07
CA ASP B 287 23.86 2.41 29.44
C ASP B 287 23.79 3.71 30.21
N GLU B 288 24.82 4.53 30.05
CA GLU B 288 24.90 5.80 30.75
C GLU B 288 23.75 6.72 30.31
N GLY B 289 23.61 6.88 29.00
CA GLY B 289 22.61 7.81 28.42
C GLY B 289 21.17 7.52 28.81
N LEU B 290 20.76 6.29 28.72
CA LEU B 290 19.44 5.89 29.19
C LEU B 290 19.30 6.08 30.68
N GLU B 291 20.35 5.69 31.43
CA GLU B 291 20.30 5.75 32.90
C GLU B 291 20.09 7.20 33.38
N ALA B 292 20.63 8.17 32.63
CA ALA B 292 20.38 9.59 32.92
C ALA B 292 18.91 9.99 32.69
N VAL B 293 18.40 9.69 31.50
CA VAL B 293 17.00 9.91 31.20
C VAL B 293 16.12 9.12 32.14
N ASN B 294 16.49 7.88 32.43
CA ASN B 294 15.63 7.02 33.25
C ASN B 294 15.55 7.53 34.66
N LYS B 295 16.62 8.16 35.14
CA LYS B 295 16.63 8.75 36.49
C LYS B 295 15.76 10.00 36.53
N ASP B 296 15.77 10.80 35.46
CA ASP B 296 14.89 11.97 35.38
C ASP B 296 13.44 11.52 35.41
N LYS B 297 13.03 10.68 34.45
CA LYS B 297 11.73 9.97 34.50
C LYS B 297 11.84 8.57 33.91
N PRO B 298 11.26 7.56 34.56
CA PRO B 298 11.45 6.20 34.04
C PRO B 298 10.89 5.95 32.60
N LEU B 299 11.69 5.28 31.76
CA LEU B 299 11.32 5.08 30.37
C LEU B 299 10.50 3.83 30.15
N GLY B 300 10.47 2.95 31.14
CA GLY B 300 9.85 1.63 31.01
C GLY B 300 10.92 0.63 30.69
N ALA B 301 10.56 -0.44 29.99
CA ALA B 301 11.53 -1.42 29.60
C ALA B 301 12.28 -0.97 28.32
N VAL B 302 13.55 -0.69 28.48
CA VAL B 302 14.37 -0.07 27.44
C VAL B 302 14.77 -0.99 26.30
N ALA B 303 15.01 -0.37 25.17
CA ALA B 303 15.32 -1.08 23.95
C ALA B 303 16.67 -1.80 24.02
N LEU B 304 17.64 -1.16 24.69
CA LEU B 304 19.02 -1.64 24.75
C LEU B 304 19.19 -2.77 25.79
N LYS B 305 19.68 -3.93 25.34
CA LYS B 305 19.59 -5.16 26.14
C LYS B 305 20.38 -5.06 27.40
N SER B 306 21.56 -4.44 27.33
CA SER B 306 22.47 -4.45 28.45
C SER B 306 21.89 -3.75 29.65
N TYR B 307 21.29 -2.58 29.42
CA TYR B 307 20.59 -1.87 30.49
C TYR B 307 19.28 -2.51 30.91
N GLU B 308 18.49 -2.95 29.95
CA GLU B 308 17.21 -3.57 30.30
C GLU B 308 17.41 -4.81 31.17
N GLU B 309 18.56 -5.50 31.02
CA GLU B 309 18.84 -6.67 31.83
C GLU B 309 18.96 -6.32 33.30
N GLU B 310 19.48 -5.12 33.60
CA GLU B 310 19.43 -4.57 34.97
C GLU B 310 17.97 -4.21 35.40
N LEU B 311 17.29 -3.43 34.55
CA LEU B 311 15.99 -2.88 34.88
C LEU B 311 14.92 -3.91 35.09
N ALA B 312 15.00 -5.02 34.37
CA ALA B 312 13.92 -5.99 34.40
C ALA B 312 13.83 -6.71 35.72
N LYS B 313 14.87 -6.60 36.52
CA LYS B 313 14.88 -7.12 37.89
C LYS B 313 13.85 -6.40 38.77
N ASP B 314 13.58 -5.13 38.45
CA ASP B 314 12.60 -4.26 39.11
C ASP B 314 11.14 -4.76 38.97
N PRO B 315 10.41 -4.88 40.08
CA PRO B 315 9.03 -5.40 40.04
C PRO B 315 8.02 -4.50 39.28
N ARG B 316 8.27 -3.20 39.26
CA ARG B 316 7.43 -2.26 38.48
C ARG B 316 7.61 -2.48 36.95
N ILE B 317 8.82 -2.82 36.52
CA ILE B 317 9.09 -3.20 35.16
C ILE B 317 8.56 -4.57 34.83
N ALA B 318 8.60 -5.52 35.72
CA ALA B 318 8.00 -6.82 35.41
C ALA B 318 6.51 -6.69 35.15
N ALA B 319 5.89 -5.79 35.91
CA ALA B 319 4.47 -5.48 35.79
C ALA B 319 4.12 -4.79 34.46
N THR B 320 4.96 -3.84 34.08
CA THR B 320 4.86 -3.20 32.79
C THR B 320 4.90 -4.27 31.73
N MET B 321 5.82 -5.21 31.89
CA MET B 321 6.00 -6.25 30.93
C MET B 321 4.79 -7.13 30.83
N GLU B 322 4.26 -7.61 31.94
CA GLU B 322 3.08 -8.51 31.86
C GLU B 322 1.87 -7.84 31.25
N ASN B 323 1.63 -6.58 31.60
CA ASN B 323 0.60 -5.80 30.93
C ASN B 323 0.82 -5.71 29.40
N ALA B 324 2.08 -5.45 29.02
CA ALA B 324 2.49 -5.35 27.63
C ALA B 324 2.28 -6.64 26.88
N GLN B 325 2.51 -7.78 27.51
CA GLN B 325 2.29 -9.06 26.84
C GLN B 325 0.83 -9.44 26.71
N LYS B 326 -0.01 -8.91 27.61
CA LYS B 326 -1.47 -9.11 27.51
C LYS B 326 -2.06 -8.09 26.52
N GLY B 327 -1.35 -6.98 26.34
CA GLY B 327 -1.71 -6.00 25.37
C GLY B 327 -1.25 -6.33 23.95
N GLU B 328 -1.28 -5.30 23.12
CA GLU B 328 -0.92 -5.40 21.72
C GLU B 328 0.03 -4.27 21.49
N ILE B 329 1.06 -4.54 20.73
CA ILE B 329 1.89 -3.48 20.21
C ILE B 329 1.08 -2.67 19.23
N MET B 330 1.15 -1.37 19.32
CA MET B 330 0.43 -0.57 18.37
C MET B 330 0.99 -0.77 16.97
N PRO B 331 0.15 -0.64 15.95
CA PRO B 331 0.66 -0.48 14.58
C PRO B 331 1.31 0.87 14.42
N ASN B 332 2.24 0.99 13.46
CA ASN B 332 2.86 2.29 13.15
C ASN B 332 2.29 2.93 11.89
N ILE B 333 1.30 2.28 11.29
CA ILE B 333 0.79 2.74 10.00
C ILE B 333 0.10 4.10 10.10
N PRO B 334 -0.01 4.83 8.98
CA PRO B 334 -0.62 6.18 9.00
C PRO B 334 -2.09 6.26 9.48
N GLN B 335 -2.80 5.15 9.31
CA GLN B 335 -4.18 5.00 9.71
C GLN B 335 -4.43 5.03 11.23
N MET B 336 -3.39 5.01 12.03
CA MET B 336 -3.52 5.15 13.47
C MET B 336 -4.09 6.49 13.89
N SER B 337 -3.69 7.55 13.22
CA SER B 337 -4.26 8.86 13.47
C SER B 337 -5.79 8.77 13.41
N ALA B 338 -6.28 8.13 12.37
CA ALA B 338 -7.68 8.08 12.15
C ALA B 338 -8.33 7.32 13.30
N PHE B 339 -7.71 6.22 13.70
CA PHE B 339 -8.26 5.43 14.79
C PHE B 339 -8.31 6.21 16.09
N TRP B 340 -7.19 6.80 16.48
CA TRP B 340 -7.15 7.50 17.74
C TRP B 340 -8.14 8.68 17.78
N TYR B 341 -8.21 9.51 16.73
CA TYR B 341 -9.14 10.68 16.74
C TYR B 341 -10.60 10.26 16.81
N ALA B 342 -10.92 9.14 16.17
CA ALA B 342 -12.27 8.63 16.21
C ALA B 342 -12.66 8.16 17.60
N VAL B 343 -11.78 7.38 18.19
CA VAL B 343 -11.98 6.80 19.49
C VAL B 343 -11.97 7.85 20.61
N ARG B 344 -11.10 8.85 20.48
CA ARG B 344 -11.04 9.94 21.44
C ARG B 344 -12.40 10.61 21.61
N THR B 345 -12.94 11.03 20.49
CA THR B 345 -14.19 11.73 20.41
C THR B 345 -15.30 10.83 20.93
N ALA B 346 -15.30 9.56 20.54
CA ALA B 346 -16.35 8.65 20.97
C ALA B 346 -16.39 8.50 22.51
N VAL B 347 -15.22 8.39 23.13
CA VAL B 347 -15.13 8.27 24.57
C VAL B 347 -15.59 9.56 25.21
N ILE B 348 -15.04 10.69 24.79
CA ILE B 348 -15.41 11.93 25.42
C ILE B 348 -16.93 12.17 25.35
N ASN B 349 -17.52 11.97 24.18
CA ASN B 349 -18.94 12.20 24.00
C ASN B 349 -19.78 11.20 24.77
N ALA B 350 -19.44 9.91 24.77
CA ALA B 350 -20.21 8.92 25.52
C ALA B 350 -20.17 9.24 27.05
N ALA B 351 -18.99 9.67 27.50
CA ALA B 351 -18.69 10.03 28.89
C ALA B 351 -19.46 11.24 29.40
N SER B 352 -19.65 12.25 28.57
CA SER B 352 -20.43 13.42 29.00
C SER B 352 -21.93 13.26 28.71
N GLY B 353 -22.31 12.13 28.13
CA GLY B 353 -23.70 11.86 27.75
C GLY B 353 -24.17 12.59 26.48
N ARG B 354 -23.29 13.43 25.90
CA ARG B 354 -23.55 14.09 24.60
C ARG B 354 -23.92 13.08 23.51
N GLN B 355 -23.35 11.89 23.55
CA GLN B 355 -23.72 10.79 22.68
C GLN B 355 -23.94 9.62 23.58
N THR B 356 -24.87 8.76 23.20
CA THR B 356 -25.02 7.49 23.82
C THR B 356 -23.78 6.71 23.44
N VAL B 357 -23.61 5.56 24.07
CA VAL B 357 -22.45 4.74 23.80
C VAL B 357 -22.55 4.18 22.39
N ASP B 358 -23.67 3.60 22.02
CA ASP B 358 -23.73 2.96 20.72
C ASP B 358 -23.52 3.92 19.55
N ALA B 359 -24.14 5.07 19.66
CA ALA B 359 -24.01 6.13 18.69
C ALA B 359 -22.59 6.68 18.62
N ALA B 360 -21.91 6.75 19.76
CA ALA B 360 -20.52 7.23 19.77
C ALA B 360 -19.59 6.29 19.00
N LEU B 361 -19.72 5.01 19.29
CA LEU B 361 -18.89 4.02 18.68
C LEU B 361 -19.21 3.76 17.24
N ALA B 362 -20.50 3.82 16.90
CA ALA B 362 -20.94 3.68 15.51
C ALA B 362 -20.35 4.82 14.67
N ALA B 363 -20.43 6.03 15.20
CA ALA B 363 -19.87 7.17 14.56
C ALA B 363 -18.36 7.05 14.44
N ALA B 364 -17.74 6.48 15.48
CA ALA B 364 -16.31 6.28 15.51
C ALA B 364 -15.82 5.26 14.47
N GLN B 365 -16.56 4.17 14.31
CA GLN B 365 -16.20 3.14 13.39
C GLN B 365 -16.27 3.62 11.95
N THR B 366 -17.39 4.23 11.62
CA THR B 366 -17.58 4.79 10.30
C THR B 366 -16.53 5.86 10.01
N ASN B 367 -16.29 6.76 10.95
CA ASN B 367 -15.33 7.82 10.73
C ASN B 367 -13.93 7.33 10.59
N ALA B 368 -13.59 6.32 11.40
CA ALA B 368 -12.26 5.76 11.35
C ALA B 368 -12.06 5.08 10.03
N ALA B 369 -13.05 4.36 9.57
CA ALA B 369 -12.93 3.68 8.28
C ALA B 369 -12.73 4.69 7.11
N ALA B 370 -13.50 5.76 7.16
CA ALA B 370 -13.43 6.78 6.13
C ALA B 370 -12.05 7.41 6.09
N MET B 371 -11.60 7.87 7.24
CA MET B 371 -10.30 8.51 7.34
C MET B 371 -9.12 7.60 7.09
N SER B 372 -9.31 6.32 7.36
CA SER B 372 -8.27 5.37 7.11
C SER B 372 -8.16 4.97 5.63
N ALA B 373 -9.28 4.93 4.92
CA ALA B 373 -9.32 4.77 3.47
C ALA B 373 -8.63 5.94 2.80
N GLY B 374 -8.97 7.13 3.26
CA GLY B 374 -8.40 8.36 2.78
C GLY B 374 -6.92 8.48 2.96
N LEU B 375 -6.36 7.80 3.95
CA LEU B 375 -4.95 7.89 4.22
C LEU B 375 -4.17 6.84 3.48
N ASP B 376 -4.85 5.88 2.88
CA ASP B 376 -4.20 4.83 2.08
C ASP B 376 -4.08 5.35 0.62
N ILE B 377 -2.91 5.83 0.29
CA ILE B 377 -2.69 6.44 -1.01
C ILE B 377 -2.33 5.47 -2.13
N HIS B 378 -2.16 4.21 -1.80
CA HIS B 378 -1.74 3.21 -2.75
C HIS B 378 -2.84 2.75 -3.67
N PHE B 379 -2.40 2.21 -4.84
CA PHE B 379 -3.27 1.50 -5.77
C PHE B 379 -4.39 2.40 -6.37
N ARG B 380 -4.11 3.70 -6.46
CA ARG B 380 -5.08 4.63 -6.98
C ARG B 380 -4.67 5.02 -8.39
N GLY B 381 -5.65 4.92 -9.30
CA GLY B 381 -5.46 5.36 -10.68
C GLY B 381 -5.32 6.84 -11.03
N LYS B 382 -6.04 7.72 -10.30
CA LYS B 382 -6.26 9.13 -10.69
C LYS B 382 -6.25 10.06 -9.50
N THR B 383 -5.09 10.32 -8.92
CA THR B 383 -5.02 11.17 -7.70
C THR B 383 -4.80 12.70 -7.91
N LYS B 384 -4.80 13.15 -9.17
CA LYS B 384 -4.78 14.58 -9.48
C LYS B 384 -6.10 15.10 -10.10
N SER B 385 -7.21 14.46 -9.79
CA SER B 385 -8.55 14.86 -10.22
C SER B 385 -9.08 16.11 -9.53
N PHE B 386 -8.64 16.34 -8.30
CA PHE B 386 -9.09 17.46 -7.52
C PHE B 386 -7.91 18.09 -6.79
N PRO B 387 -7.82 19.43 -6.78
CA PRO B 387 -8.74 20.36 -7.45
C PRO B 387 -8.60 20.42 -8.95
N GLU B 388 -9.71 20.17 -9.65
CA GLU B 388 -9.71 20.13 -11.14
C GLU B 388 -9.04 21.34 -11.84
N ARG B 398 -7.75 32.61 -6.39
CA ARG B 398 -8.73 32.36 -5.35
C ARG B 398 -8.07 31.82 -4.09
N ASN B 399 -8.78 30.96 -3.37
CA ASN B 399 -8.27 30.37 -2.15
C ASN B 399 -9.04 29.07 -1.86
N MET B 400 -8.35 28.16 -1.19
CA MET B 400 -8.93 26.88 -0.82
C MET B 400 -10.14 27.06 0.10
N LYS B 401 -9.97 27.83 1.18
CA LYS B 401 -11.01 27.96 2.21
C LYS B 401 -12.14 28.83 1.71
N GLU B 402 -11.78 29.90 1.00
CA GLU B 402 -12.79 30.82 0.49
C GLU B 402 -13.75 30.09 -0.44
N LYS B 403 -13.22 29.23 -1.31
CA LYS B 403 -14.03 28.60 -2.34
C LYS B 403 -15.08 27.63 -1.79
N LEU B 404 -14.73 26.88 -0.74
CA LEU B 404 -15.73 26.02 -0.07
C LEU B 404 -16.89 26.81 0.56
N GLU B 405 -16.55 27.95 1.17
CA GLU B 405 -17.57 28.88 1.71
C GLU B 405 -18.52 29.37 0.63
N ASP B 406 -17.97 29.86 -0.48
CA ASP B 406 -18.82 30.36 -1.57
C ASP B 406 -19.70 29.26 -2.09
N MET B 407 -19.19 28.02 -2.09
CA MET B 407 -19.99 26.89 -2.53
C MET B 407 -21.17 26.69 -1.62
N GLU B 408 -20.87 26.66 -0.32
CA GLU B 408 -21.92 26.56 0.70
C GLU B 408 -22.89 27.76 0.66
N SER B 409 -22.34 28.97 0.46
CA SER B 409 -23.15 30.18 0.42
C SER B 409 -24.18 30.05 -0.67
N VAL B 410 -23.77 29.51 -1.81
CA VAL B 410 -24.65 29.31 -2.96
C VAL B 410 -25.70 28.27 -2.68
N LEU B 411 -25.31 27.18 -2.02
CA LEU B 411 -26.27 26.17 -1.64
C LEU B 411 -27.26 26.66 -0.56
N LYS B 412 -26.80 27.60 0.26
CA LYS B 412 -27.67 28.26 1.23
C LYS B 412 -28.93 28.85 0.57
N ASP B 413 -28.80 29.51 -0.58
CA ASP B 413 -29.93 30.20 -1.23
C ASP B 413 -30.82 29.32 -2.09
N LEU B 414 -31.28 28.19 -1.56
CA LEU B 414 -32.08 27.24 -2.35
C LEU B 414 -33.37 27.00 -1.64
N THR B 415 -34.42 26.73 -2.42
CA THR B 415 -35.69 26.25 -1.89
C THR B 415 -35.33 25.06 -1.02
N GLU B 416 -36.08 24.84 0.05
CA GLU B 416 -35.87 23.64 0.87
C GLU B 416 -36.09 22.40 -0.01
N GLU B 417 -37.14 22.44 -0.82
CA GLU B 417 -37.40 21.40 -1.82
C GLU B 417 -36.25 21.23 -2.81
N LYS B 418 -35.64 22.34 -3.21
CA LYS B 418 -34.47 22.33 -4.07
C LYS B 418 -33.23 21.70 -3.39
N ARG B 419 -33.05 22.01 -2.09
CA ARG B 419 -31.93 21.47 -1.31
C ARG B 419 -32.07 19.94 -1.21
N LYS B 420 -33.21 19.46 -0.79
CA LYS B 420 -33.38 18.04 -0.69
C LYS B 420 -33.13 17.39 -2.05
N ASP B 421 -33.55 18.04 -3.12
CA ASP B 421 -33.44 17.45 -4.47
C ASP B 421 -31.98 17.34 -5.00
N VAL B 422 -31.16 18.34 -4.68
CA VAL B 422 -29.72 18.29 -4.91
C VAL B 422 -29.07 17.20 -4.06
N LEU B 423 -29.47 17.08 -2.79
CA LEU B 423 -28.91 16.11 -1.87
C LEU B 423 -29.18 14.68 -2.31
N ASN B 424 -30.40 14.41 -2.73
CA ASN B 424 -30.75 13.06 -3.15
C ASN B 424 -29.94 12.64 -4.37
N SER B 425 -29.73 13.59 -5.29
CA SER B 425 -28.97 13.34 -6.51
C SER B 425 -27.48 13.09 -6.21
N LEU B 426 -26.90 14.00 -5.44
CA LEU B 426 -25.54 13.84 -5.06
C LEU B 426 -25.25 12.52 -4.28
N ALA B 427 -26.16 12.17 -3.39
CA ALA B 427 -26.03 10.98 -2.59
C ALA B 427 -25.98 9.73 -3.46
N LYS B 428 -26.75 9.72 -4.53
CA LYS B 428 -26.76 8.59 -5.50
C LYS B 428 -25.46 8.42 -6.28
N CYS B 429 -24.66 9.47 -6.35
CA CYS B 429 -23.29 9.39 -6.92
C CYS B 429 -22.24 8.66 -6.05
N LEU B 430 -22.50 8.49 -4.76
CA LEU B 430 -21.49 7.92 -3.87
C LEU B 430 -21.27 6.47 -4.16
N GLY B 431 -20.03 6.15 -4.50
CA GLY B 431 -19.71 4.81 -4.98
C GLY B 431 -20.21 4.36 -6.34
N LYS B 432 -20.74 5.26 -7.16
CA LYS B 432 -21.19 4.90 -8.49
C LYS B 432 -20.61 5.85 -9.50
N GLU B 433 -19.48 5.45 -10.08
CA GLU B 433 -18.74 6.30 -10.98
C GLU B 433 -19.53 6.69 -12.23
N ASP B 434 -20.38 5.78 -12.70
CA ASP B 434 -21.14 6.06 -13.92
C ASP B 434 -22.26 7.08 -13.71
N ILE B 435 -22.94 6.95 -12.59
CA ILE B 435 -23.90 7.92 -12.21
C ILE B 435 -23.20 9.26 -12.03
N ARG B 436 -22.09 9.28 -11.35
CA ARG B 436 -21.38 10.51 -11.12
C ARG B 436 -20.95 11.15 -12.41
N GLN B 437 -20.39 10.38 -13.33
CA GLN B 437 -19.92 10.91 -14.61
C GLN B 437 -21.05 11.40 -15.50
N ASP B 438 -22.13 10.66 -15.54
CA ASP B 438 -23.31 11.08 -16.28
C ASP B 438 -23.82 12.45 -15.73
N LEU B 439 -23.97 12.55 -14.42
CA LEU B 439 -24.43 13.78 -13.83
C LEU B 439 -23.51 14.96 -14.14
N GLU B 440 -22.21 14.77 -14.12
CA GLU B 440 -21.30 15.82 -14.48
C GLU B 440 -21.47 16.24 -15.93
N GLN B 441 -21.75 15.30 -16.82
CA GLN B 441 -21.88 15.62 -18.24
C GLN B 441 -23.07 16.57 -18.42
N ARG B 442 -24.23 16.17 -17.87
CA ARG B 442 -25.48 16.95 -17.90
C ARG B 442 -25.36 18.32 -17.24
N VAL B 443 -24.76 18.41 -16.08
CA VAL B 443 -24.60 19.70 -15.44
C VAL B 443 -23.69 20.61 -16.26
N SER B 444 -22.69 20.03 -16.90
CA SER B 444 -21.81 20.73 -17.82
C SER B 444 -22.59 21.21 -19.04
N GLU B 445 -23.40 20.30 -19.60
CA GLU B 445 -24.17 20.63 -20.76
C GLU B 445 -25.17 21.83 -20.49
N VAL B 446 -25.77 21.86 -19.30
CA VAL B 446 -26.64 22.92 -18.88
C VAL B 446 -25.91 24.27 -18.62
N LEU B 447 -24.76 24.21 -17.99
CA LEU B 447 -23.99 25.42 -17.77
C LEU B 447 -23.56 26.10 -19.09
N ILE B 448 -23.22 25.29 -20.11
CA ILE B 448 -22.92 25.84 -21.44
C ILE B 448 -24.18 26.39 -22.17
N SER B 449 -25.19 25.56 -22.32
CA SER B 449 -26.42 25.93 -23.02
C SER B 449 -27.30 26.93 -22.26
N ARG B 450 -27.17 26.99 -20.93
CA ARG B 450 -27.94 27.91 -20.10
C ARG B 450 -29.41 27.54 -20.07
N GLU B 451 -29.72 26.34 -20.53
CA GLU B 451 -31.07 25.95 -20.83
C GLU B 451 -31.41 24.61 -20.22
N LEU B 452 -32.52 24.58 -19.49
CA LEU B 452 -33.15 23.31 -19.09
C LEU B 452 -34.03 22.73 -20.20
N HIS B 453 -33.73 21.48 -20.57
CA HIS B 453 -34.59 20.74 -21.50
C HIS B 453 -35.58 19.82 -20.74
N MET B 454 -36.55 19.28 -21.46
CA MET B 454 -37.56 18.40 -20.86
C MET B 454 -36.99 17.03 -20.42
N GLU B 455 -36.00 16.54 -21.19
CA GLU B 455 -35.31 15.30 -20.79
C GLU B 455 -34.48 15.46 -19.49
N ASP B 456 -34.29 16.69 -19.05
CA ASP B 456 -33.71 17.01 -17.75
C ASP B 456 -34.79 17.23 -16.70
N SER B 457 -36.05 17.11 -17.12
CA SER B 457 -37.21 17.42 -16.30
C SER B 457 -37.20 16.52 -15.07
N ASP B 458 -36.83 15.26 -15.28
CA ASP B 458 -36.73 14.29 -14.19
C ASP B 458 -35.29 14.09 -13.65
N LYS B 459 -34.44 15.08 -13.86
CA LYS B 459 -33.22 15.23 -13.06
C LYS B 459 -33.42 16.49 -12.21
N PRO B 460 -34.13 16.35 -11.06
CA PRO B 460 -34.48 17.45 -10.18
C PRO B 460 -33.32 18.28 -9.77
N LEU B 461 -32.13 17.69 -9.73
CA LEU B 461 -30.91 18.45 -9.44
C LEU B 461 -30.72 19.55 -10.48
N LEU B 462 -30.98 19.20 -11.74
CA LEU B 462 -30.81 20.12 -12.83
C LEU B 462 -31.74 21.30 -12.68
N SER B 463 -33.00 21.04 -12.29
CA SER B 463 -34.01 22.09 -12.07
C SER B 463 -33.57 23.10 -11.03
N SER B 464 -32.90 22.60 -10.01
CA SER B 464 -32.46 23.40 -8.91
C SER B 464 -31.37 24.35 -9.27
N LEU B 465 -30.83 24.25 -10.48
CA LEU B 465 -29.74 25.14 -10.90
C LEU B 465 -30.26 26.51 -11.32
N PHE B 466 -31.56 26.55 -11.62
CA PHE B 466 -32.24 27.76 -12.05
C PHE B 466 -33.06 28.36 -10.92
N ASN B 467 -33.03 29.69 -10.84
CA ASN B 467 -33.89 30.43 -9.90
C ASN B 467 -35.35 30.47 -10.38
N ALA B 468 -36.26 30.97 -9.54
CA ALA B 468 -37.72 31.04 -9.88
C ALA B 468 -38.04 31.97 -11.07
N ALA B 469 -37.24 33.03 -11.18
CA ALA B 469 -37.10 33.81 -12.42
C ALA B 469 -36.72 32.94 -13.65
N GLY B 470 -36.15 31.73 -13.41
CA GLY B 470 -35.94 30.70 -14.46
C GLY B 470 -34.64 30.90 -15.24
N VAL B 471 -33.78 31.75 -14.69
CA VAL B 471 -32.47 32.02 -15.17
C VAL B 471 -31.50 31.08 -14.40
N LEU B 472 -30.48 30.61 -15.11
CA LEU B 472 -29.47 29.74 -14.54
C LEU B 472 -28.59 30.47 -13.58
N VAL B 473 -28.34 29.88 -12.42
CA VAL B 473 -27.38 30.46 -11.49
C VAL B 473 -26.10 29.71 -11.74
N GLU B 474 -25.21 30.36 -12.49
CA GLU B 474 -23.98 29.72 -12.95
C GLU B 474 -23.28 29.15 -11.77
N ALA B 475 -23.32 29.87 -10.65
CA ALA B 475 -22.59 29.47 -9.48
C ALA B 475 -23.08 28.19 -8.83
N ARG B 476 -24.35 27.82 -9.08
CA ARG B 476 -24.88 26.56 -8.56
C ARG B 476 -24.32 25.32 -9.28
N ALA B 477 -24.34 25.38 -10.62
CA ALA B 477 -23.70 24.35 -11.45
C ALA B 477 -22.20 24.21 -11.12
N LYS B 478 -21.50 25.33 -10.98
CA LYS B 478 -20.09 25.29 -10.59
C LYS B 478 -19.86 24.66 -9.23
N ALA B 479 -20.75 24.92 -8.31
CA ALA B 479 -20.63 24.27 -7.01
C ALA B 479 -20.82 22.76 -7.14
N ILE B 480 -21.81 22.34 -7.93
CA ILE B 480 -22.06 20.95 -8.14
C ILE B 480 -20.87 20.28 -8.85
N LEU B 481 -20.33 20.93 -9.89
CA LEU B 481 -19.19 20.41 -10.63
C LEU B 481 -17.98 20.27 -9.76
N ASP B 482 -17.75 21.28 -8.92
CA ASP B 482 -16.67 21.22 -7.93
C ASP B 482 -16.81 20.03 -6.94
N PHE B 483 -18.03 19.77 -6.51
CA PHE B 483 -18.29 18.63 -5.65
C PHE B 483 -18.01 17.29 -6.38
N LEU B 484 -18.47 17.20 -7.63
CA LEU B 484 -18.27 16.01 -8.42
C LEU B 484 -16.81 15.73 -8.72
N ASP B 485 -16.01 16.76 -8.91
CA ASP B 485 -14.57 16.55 -9.03
C ASP B 485 -13.98 16.05 -7.74
N ALA B 486 -14.37 16.64 -6.62
CA ALA B 486 -13.84 16.20 -5.34
C ALA B 486 -14.28 14.77 -5.10
N LEU B 487 -15.50 14.42 -5.50
CA LEU B 487 -15.96 13.06 -5.42
C LEU B 487 -15.16 12.10 -6.32
N LEU B 488 -14.78 12.55 -7.52
CA LEU B 488 -13.91 11.77 -8.37
C LEU B 488 -12.55 11.43 -7.72
N GLU B 489 -12.01 12.36 -6.93
CA GLU B 489 -10.76 12.16 -6.24
C GLU B 489 -10.83 11.06 -5.19
N LEU B 490 -11.98 10.81 -4.63
CA LEU B 490 -12.11 9.78 -3.59
C LEU B 490 -12.18 8.39 -4.18
N SER B 491 -11.80 7.40 -3.37
CA SER B 491 -12.07 6.00 -3.74
C SER B 491 -12.99 5.33 -2.75
N GLU B 492 -12.47 4.44 -1.92
CA GLU B 492 -13.27 3.64 -1.00
C GLU B 492 -13.87 4.43 0.15
N GLU B 493 -13.36 5.63 0.40
CA GLU B 493 -13.90 6.49 1.47
C GLU B 493 -15.36 6.92 1.26
N GLN B 494 -15.80 6.87 -0.01
CA GLN B 494 -17.16 7.19 -0.41
C GLN B 494 -18.18 6.34 0.22
N GLN B 495 -17.91 5.06 0.41
CA GLN B 495 -18.94 4.19 1.00
C GLN B 495 -19.22 4.61 2.46
N PHE B 496 -18.17 5.05 3.13
CA PHE B 496 -18.24 5.54 4.51
C PHE B 496 -18.84 6.90 4.65
N VAL B 497 -18.59 7.75 3.66
CA VAL B 497 -19.23 9.05 3.63
C VAL B 497 -20.73 8.82 3.54
N ALA B 498 -21.11 7.80 2.77
CA ALA B 498 -22.53 7.40 2.65
C ALA B 498 -23.13 6.91 3.93
N GLU B 499 -22.37 6.13 4.72
CA GLU B 499 -22.83 5.71 6.06
C GLU B 499 -23.06 6.88 7.00
N ALA B 500 -22.12 7.81 7.01
CA ALA B 500 -22.24 8.96 7.89
C ALA B 500 -23.39 9.86 7.54
N LEU B 501 -23.70 9.93 6.26
CA LEU B 501 -24.88 10.67 5.80
C LEU B 501 -26.09 9.95 6.28
N GLU B 502 -26.15 8.65 6.04
CA GLU B 502 -27.30 7.87 6.44
C GLU B 502 -27.54 7.96 7.95
N LYS B 503 -26.46 7.89 8.72
CA LYS B 503 -26.59 7.77 10.17
C LYS B 503 -26.67 9.12 10.86
N GLY B 504 -26.50 10.20 10.13
CA GLY B 504 -26.54 11.51 10.73
C GLY B 504 -25.29 11.88 11.49
N THR B 505 -24.17 11.24 11.19
CA THR B 505 -22.92 11.53 11.84
C THR B 505 -21.91 12.34 11.01
N LEU B 506 -22.40 13.02 9.99
CA LEU B 506 -21.52 13.85 9.18
C LEU B 506 -20.76 14.91 9.97
N PRO B 507 -21.41 15.53 10.96
CA PRO B 507 -20.76 16.67 11.65
C PRO B 507 -19.49 16.25 12.42
N LEU B 508 -19.49 15.01 12.92
CA LEU B 508 -18.31 14.45 13.53
C LEU B 508 -17.18 14.21 12.53
N LEU B 509 -17.51 13.54 11.43
CA LEU B 509 -16.55 13.25 10.37
C LEU B 509 -15.88 14.52 9.88
N LYS B 510 -16.67 15.56 9.69
CA LYS B 510 -16.13 16.81 9.23
C LYS B 510 -15.09 17.33 10.18
N ASP B 511 -15.38 17.28 11.48
CA ASP B 511 -14.41 17.75 12.48
C ASP B 511 -13.18 16.83 12.48
N GLN B 512 -13.42 15.52 12.43
CA GLN B 512 -12.33 14.56 12.49
C GLN B 512 -11.44 14.58 11.26
N VAL B 513 -12.04 14.80 10.09
CA VAL B 513 -11.29 14.99 8.86
C VAL B 513 -10.42 16.24 8.96
N LYS B 514 -11.04 17.33 9.38
CA LYS B 514 -10.31 18.58 9.60
C LYS B 514 -9.13 18.35 10.56
N SER B 515 -9.30 17.49 11.54
CA SER B 515 -8.22 17.26 12.53
C SER B 515 -7.06 16.42 11.99
N VAL B 516 -7.32 15.48 11.10
CA VAL B 516 -6.24 14.77 10.40
C VAL B 516 -5.44 15.68 9.43
N MET B 517 -5.86 16.92 9.24
CA MET B 517 -5.33 17.76 8.19
C MET B 517 -4.39 18.86 8.68
N GLU B 518 -3.09 18.61 8.58
CA GLU B 518 -2.07 19.66 8.74
C GLU B 518 -1.93 20.45 7.43
N ASP B 534 1.36 16.84 -3.14
CA ASP B 534 1.15 15.80 -2.15
C ASP B 534 -0.20 15.08 -2.36
N PRO B 535 -0.18 13.72 -2.38
CA PRO B 535 -1.41 12.98 -2.64
C PRO B 535 -2.42 13.00 -1.50
N GLU B 536 -1.92 12.82 -0.27
CA GLU B 536 -2.82 12.70 0.94
C GLU B 536 -3.53 14.03 1.19
N ALA B 537 -2.84 15.13 1.01
CA ALA B 537 -3.47 16.41 1.10
C ALA B 537 -4.58 16.51 0.05
N ARG B 538 -4.31 16.07 -1.18
CA ARG B 538 -5.31 16.16 -2.23
C ARG B 538 -6.55 15.32 -1.90
N ILE B 539 -6.33 14.14 -1.35
CA ILE B 539 -7.42 13.24 -1.03
C ILE B 539 -8.25 13.71 0.14
N LEU B 540 -7.58 14.03 1.23
CA LEU B 540 -8.26 14.51 2.46
C LEU B 540 -9.03 15.81 2.26
N CYS B 541 -8.47 16.72 1.48
CA CYS B 541 -9.17 17.94 1.12
C CYS B 541 -10.44 17.69 0.25
N ALA B 542 -10.41 16.75 -0.68
CA ALA B 542 -11.62 16.35 -1.38
C ALA B 542 -12.65 15.69 -0.46
N LEU B 543 -12.16 14.94 0.52
CA LEU B 543 -13.03 14.34 1.52
C LEU B 543 -13.71 15.44 2.39
N TYR B 544 -12.97 16.50 2.68
CA TYR B 544 -13.49 17.61 3.46
C TYR B 544 -14.57 18.33 2.70
N VAL B 545 -14.29 18.66 1.45
CA VAL B 545 -15.29 19.32 0.59
C VAL B 545 -16.54 18.46 0.39
N VAL B 546 -16.37 17.17 0.22
CA VAL B 546 -17.53 16.32 -0.04
C VAL B 546 -18.37 16.20 1.19
N VAL B 547 -17.73 16.03 2.33
CA VAL B 547 -18.45 15.95 3.57
C VAL B 547 -19.13 17.29 3.89
N SER B 548 -18.37 18.38 3.80
CA SER B 548 -18.92 19.70 4.08
C SER B 548 -20.15 19.98 3.28
N ILE B 549 -20.11 19.67 2.01
CA ILE B 549 -21.26 19.92 1.14
C ILE B 549 -22.43 19.02 1.45
N LEU B 550 -22.20 17.73 1.65
CA LEU B 550 -23.29 16.85 2.01
C LEU B 550 -23.95 17.25 3.34
N LEU B 551 -23.11 17.76 4.26
CA LEU B 551 -23.56 18.22 5.56
C LEU B 551 -24.48 19.41 5.41
N GLU B 552 -24.00 20.45 4.70
CA GLU B 552 -24.80 21.67 4.52
C GLU B 552 -26.18 21.38 3.94
N LEU B 553 -26.26 20.51 2.96
CA LEU B 553 -27.56 20.18 2.40
C LEU B 553 -28.41 19.35 3.37
N ALA B 554 -27.81 18.39 4.06
CA ALA B 554 -28.61 17.49 4.93
C ALA B 554 -29.17 18.16 6.21
N GLU B 555 -28.44 19.17 6.69
CA GLU B 555 -28.80 19.84 7.93
C GLU B 555 -29.70 21.03 7.65
N GLY B 556 -30.98 20.89 7.93
CA GLY B 556 -31.93 21.98 7.69
C GLY B 556 -33.31 21.47 7.37
C1 GLC C . 5.37 -3.73 -27.29
C2 GLC C . 4.62 -2.86 -26.25
C3 GLC C . 4.69 -3.46 -24.85
C4 GLC C . 4.29 -4.93 -24.86
C5 GLC C . 5.10 -5.70 -25.88
C6 GLC C . 4.53 -7.14 -26.00
O1 GLC C . 6.75 -3.78 -26.99
O2 GLC C . 5.22 -1.57 -26.11
O3 GLC C . 3.81 -2.72 -23.97
O4 GLC C . 4.48 -5.50 -23.59
O5 GLC C . 4.98 -5.08 -27.18
O6 GLC C . 5.53 -8.01 -26.48
C1 GLC C . 3.35 -5.42 -22.71
C2 GLC C . 3.73 -4.84 -21.35
C3 GLC C . 4.78 -5.79 -20.66
C4 GLC C . 4.21 -7.23 -20.63
C5 GLC C . 3.71 -7.64 -22.00
C6 GLC C . 3.03 -8.99 -21.97
O2 GLC C . 4.26 -3.53 -21.53
O3 GLC C . 5.03 -5.39 -19.30
O4 GLC C . 5.21 -8.15 -20.19
O5 GLC C . 2.78 -6.73 -22.51
O6 GLC C . 2.86 -9.51 -23.32
C1 GLC D . 2.20 9.23 26.74
C2 GLC D . 2.58 7.97 25.95
C3 GLC D . 1.93 7.94 24.57
C4 GLC D . 0.41 8.25 24.68
C5 GLC D . 0.08 9.40 25.65
C6 GLC D . -1.42 9.49 25.96
O1 GLC D . 2.68 10.40 26.05
O2 GLC D . 3.98 7.95 25.79
O3 GLC D . 2.21 6.64 23.98
O4 GLC D . -0.15 8.60 23.40
O5 GLC D . 0.78 9.26 26.90
O6 GLC D . -1.79 10.88 26.05
C1 GLC D . -0.66 7.44 22.73
C2 GLC D . -0.26 7.45 21.26
C3 GLC D . -0.82 8.70 20.61
C4 GLC D . -2.35 8.70 20.77
C5 GLC D . -2.77 8.52 22.23
C6 GLC D . -4.26 8.22 22.41
O2 GLC D . 1.15 7.33 21.16
O3 GLC D . -0.41 8.72 19.26
O4 GLC D . -2.91 9.93 20.30
O5 GLC D . -2.08 7.41 22.82
O6 GLC D . -4.71 8.73 23.68
C ACT E . 14.49 -43.88 12.83
O ACT E . 14.27 -42.82 13.46
OXT ACT E . 14.87 -44.90 13.44
CH3 ACT E . 14.28 -43.92 11.34
NA NA F . -12.12 2.11 -21.05
#